data_7TOC
#
_entry.id   7TOC
#
_cell.length_a   145.555
_cell.length_b   145.555
_cell.length_c   244.349
_cell.angle_alpha   90.000
_cell.angle_beta   90.000
_cell.angle_gamma   120.000
#
_symmetry.space_group_name_H-M   'P 61 2 2'
#
loop_
_entity.id
_entity.type
_entity.pdbx_description
1 polymer 'Ketol-acid reductoisomerase, mitochondrial'
2 non-polymer 'NADPH DIHYDRO-NICOTINAMIDE-ADENINE-DINUCLEOTIDE PHOSPHATE'
3 non-polymer 'MALONATE ION'
4 non-polymer 'ACETIC ACID'
5 non-polymer 'MAGNESIUM ION'
6 water water
#
_entity_poly.entity_id   1
_entity_poly.type   'polypeptide(L)'
_entity_poly.pdbx_seq_one_letter_code
;SNAPVVSAAPLATRGLKTINFGGTEEVVHERADWPREKLLEYFKNDTMALIGYGSQGYGQGLNLRDNGLNVIIGVRKNGA
SWKAAIEDGWVPGENLFDVKEAITKGTIIMNLLSDAAQSETWPDLKPLITEGKTLYFSHGFSPVFKDLTKVEPPSNVDVI
LAAPKGSGRTVRSLFLEGRGINSSYAVWNDVTGKAEEKAIAMAVAIGSGYVYQTTFEREVNSDLYGERGCLMGGIHGMFL
AQYEVLRENGHTPSEAFNETVEEATQSLYPLIGKYGMDYMYDACSTTARRGALDWYPRFKDALKPVFVELYESVKNGTET
QRSLDFNGAPDYRERLEEELETIRNMEIWKVGKEVRKLRPENQ
;
_entity_poly.pdbx_strand_id   A,B
#
# COMPACT_ATOMS: atom_id res chain seq x y z
N VAL A 5 -25.15 -22.96 20.47
CA VAL A 5 -24.25 -23.00 19.31
C VAL A 5 -23.01 -23.78 19.74
N VAL A 6 -22.25 -24.25 18.75
CA VAL A 6 -21.17 -25.21 18.94
C VAL A 6 -19.87 -24.57 18.51
N SER A 7 -18.76 -25.04 19.09
CA SER A 7 -17.44 -24.54 18.73
C SER A 7 -16.86 -25.43 17.61
N ALA A 8 -15.56 -25.32 17.37
CA ALA A 8 -14.94 -26.01 16.25
C ALA A 8 -13.57 -26.53 16.67
N ALA A 9 -13.27 -27.76 16.28
CA ALA A 9 -11.99 -28.34 16.62
C ALA A 9 -10.87 -27.44 16.09
N PRO A 10 -9.83 -27.19 16.88
CA PRO A 10 -8.74 -26.33 16.41
C PRO A 10 -7.91 -26.98 15.31
N LEU A 11 -7.17 -26.14 14.60
CA LEU A 11 -6.17 -26.64 13.67
C LEU A 11 -5.11 -27.41 14.45
N ALA A 12 -4.65 -28.52 13.90
CA ALA A 12 -3.79 -29.45 14.62
C ALA A 12 -2.37 -29.49 14.04
N THR A 13 -1.39 -29.29 14.90
CA THR A 13 0.03 -29.39 14.52
C THR A 13 0.40 -30.78 14.01
N ARG A 14 -0.27 -31.83 14.50
CA ARG A 14 0.06 -33.22 14.13
C ARG A 14 1.55 -33.51 14.25
N GLY A 15 2.25 -32.77 15.11
CA GLY A 15 3.68 -32.97 15.27
C GLY A 15 4.54 -32.42 14.16
N LEU A 16 3.94 -31.68 13.21
CA LEU A 16 4.63 -31.13 12.06
C LEU A 16 5.40 -29.86 12.43
N LYS A 17 6.30 -29.45 11.53
CA LYS A 17 7.03 -28.19 11.74
C LYS A 17 6.06 -27.03 11.82
N THR A 18 6.35 -26.12 12.74
CA THR A 18 5.42 -25.07 13.10
C THR A 18 6.17 -23.75 13.26
N ILE A 19 5.43 -22.65 13.17
CA ILE A 19 5.96 -21.32 13.42
C ILE A 19 5.04 -20.64 14.43
N ASN A 20 5.61 -19.93 15.39
CA ASN A 20 4.84 -19.20 16.38
C ASN A 20 4.48 -17.82 15.83
N PHE A 21 3.21 -17.62 15.51
CA PHE A 21 2.74 -16.31 15.05
C PHE A 21 2.08 -15.61 16.24
N GLY A 22 2.87 -14.84 16.98
CA GLY A 22 2.31 -14.01 18.06
C GLY A 22 1.48 -14.75 19.09
N GLY A 23 1.85 -15.99 19.42
CA GLY A 23 1.15 -16.72 20.45
C GLY A 23 0.39 -17.94 19.96
N THR A 24 0.45 -18.25 18.66
CA THR A 24 -0.18 -19.44 18.10
C THR A 24 0.83 -20.15 17.23
N GLU A 25 1.04 -21.45 17.47
CA GLU A 25 1.87 -22.27 16.60
C GLU A 25 1.05 -22.72 15.41
N GLU A 26 1.54 -22.43 14.20
CA GLU A 26 0.84 -22.79 12.98
C GLU A 26 1.68 -23.71 12.11
N VAL A 27 1.00 -24.62 11.42
CA VAL A 27 1.67 -25.46 10.43
C VAL A 27 2.13 -24.60 9.26
N VAL A 28 3.39 -24.76 8.87
CA VAL A 28 3.97 -23.93 7.81
C VAL A 28 4.89 -24.79 6.97
N HIS A 29 4.73 -24.72 5.65
CA HIS A 29 5.62 -25.37 4.69
C HIS A 29 6.32 -24.33 3.84
N GLU A 30 7.57 -24.60 3.48
CA GLU A 30 8.43 -23.67 2.78
C GLU A 30 8.96 -24.33 1.51
N ARG A 31 9.40 -23.50 0.56
CA ARG A 31 9.76 -24.01 -0.77
C ARG A 31 10.80 -25.12 -0.72
N ALA A 32 11.74 -25.05 0.24
CA ALA A 32 12.77 -26.08 0.34
C ALA A 32 12.21 -27.46 0.69
N ASP A 33 10.99 -27.54 1.24
CA ASP A 33 10.39 -28.85 1.44
C ASP A 33 9.99 -29.48 0.12
N TRP A 34 9.80 -28.69 -0.94
CA TRP A 34 9.33 -29.21 -2.23
C TRP A 34 10.12 -28.57 -3.37
N PRO A 35 11.38 -28.97 -3.53
CA PRO A 35 12.17 -28.43 -4.64
C PRO A 35 11.65 -28.93 -5.98
N ARG A 36 12.07 -28.21 -7.02
CA ARG A 36 11.50 -28.41 -8.35
C ARG A 36 11.61 -29.87 -8.79
N GLU A 37 12.79 -30.49 -8.60
CA GLU A 37 12.98 -31.87 -9.05
C GLU A 37 12.05 -32.81 -8.32
N LYS A 38 11.80 -32.55 -7.04
CA LYS A 38 10.91 -33.40 -6.24
C LYS A 38 9.47 -33.28 -6.70
N LEU A 39 9.02 -32.06 -6.98
CA LEU A 39 7.68 -31.85 -7.51
C LEU A 39 7.49 -32.61 -8.82
N LEU A 40 8.47 -32.51 -9.73
CA LEU A 40 8.39 -33.21 -11.01
C LEU A 40 8.28 -34.73 -10.82
N GLU A 41 9.13 -35.30 -9.96
CA GLU A 41 9.03 -36.72 -9.64
C GLU A 41 7.69 -37.06 -9.03
N TYR A 42 7.21 -36.24 -8.09
CA TYR A 42 5.97 -36.58 -7.39
C TYR A 42 4.81 -36.63 -8.35
N PHE A 43 4.77 -35.68 -9.29
CA PHE A 43 3.63 -35.51 -10.19
C PHE A 43 3.85 -36.12 -11.56
N LYS A 44 4.92 -36.90 -11.76
CA LYS A 44 5.30 -37.32 -13.11
C LYS A 44 4.20 -38.09 -13.82
N ASN A 45 3.28 -38.71 -13.09
CA ASN A 45 2.15 -39.40 -13.71
C ASN A 45 0.87 -38.59 -13.69
N ASP A 46 0.92 -37.35 -13.24
CA ASP A 46 -0.30 -36.57 -13.09
C ASP A 46 -0.47 -35.61 -14.25
N THR A 47 -1.73 -35.25 -14.51
CA THR A 47 -2.08 -34.15 -15.41
C THR A 47 -2.96 -33.18 -14.63
N MET A 48 -2.46 -31.95 -14.43
CA MET A 48 -3.28 -30.90 -13.84
C MET A 48 -4.18 -30.33 -14.91
N ALA A 49 -5.48 -30.58 -14.82
CA ALA A 49 -6.42 -29.92 -15.70
C ALA A 49 -6.92 -28.68 -14.97
N LEU A 50 -6.47 -27.51 -15.41
CA LEU A 50 -6.85 -26.24 -14.81
C LEU A 50 -8.09 -25.74 -15.55
N ILE A 51 -9.22 -25.69 -14.85
CA ILE A 51 -10.48 -25.28 -15.44
C ILE A 51 -10.67 -23.80 -15.15
N GLY A 52 -10.79 -22.99 -16.20
CA GLY A 52 -10.93 -21.56 -16.01
C GLY A 52 -9.64 -20.82 -16.29
N TYR A 53 -9.77 -19.56 -16.69
CA TYR A 53 -8.60 -18.76 -17.02
C TYR A 53 -8.84 -17.28 -16.67
N GLY A 54 -9.32 -17.03 -15.45
CA GLY A 54 -9.20 -15.74 -14.80
C GLY A 54 -7.77 -15.55 -14.35
N SER A 55 -7.51 -14.59 -13.45
CA SER A 55 -6.13 -14.32 -13.12
C SER A 55 -5.48 -15.45 -12.33
N GLN A 56 -6.26 -16.29 -11.64
CA GLN A 56 -5.65 -17.45 -10.98
C GLN A 56 -5.25 -18.51 -11.99
N GLY A 57 -6.10 -18.83 -12.96
CA GLY A 57 -5.68 -19.74 -14.00
C GLY A 57 -4.45 -19.23 -14.71
N TYR A 58 -4.30 -17.91 -14.80
CA TYR A 58 -3.15 -17.32 -15.45
C TYR A 58 -1.91 -17.47 -14.58
N GLY A 59 -1.98 -17.02 -13.32
CA GLY A 59 -0.81 -17.10 -12.46
C GLY A 59 -0.48 -18.53 -12.07
N GLN A 60 -1.48 -19.30 -11.64
CA GLN A 60 -1.23 -20.69 -11.27
C GLN A 60 -0.83 -21.51 -12.48
N GLY A 61 -1.52 -21.32 -13.61
CA GLY A 61 -1.24 -22.13 -14.79
C GLY A 61 0.15 -21.90 -15.33
N LEU A 62 0.50 -20.62 -15.55
CA LEU A 62 1.79 -20.30 -16.15
C LEU A 62 2.93 -20.69 -15.22
N ASN A 63 2.75 -20.53 -13.90
CA ASN A 63 3.77 -21.01 -12.97
C ASN A 63 3.92 -22.53 -13.02
N LEU A 64 2.79 -23.27 -13.06
CA LEU A 64 2.90 -24.71 -13.26
C LEU A 64 3.61 -25.05 -14.57
N ARG A 65 3.27 -24.36 -15.66
CA ARG A 65 3.89 -24.64 -16.94
C ARG A 65 5.39 -24.39 -16.90
N ASP A 66 5.79 -23.26 -16.31
CA ASP A 66 7.21 -22.94 -16.21
C ASP A 66 7.94 -23.94 -15.33
N ASN A 67 7.29 -24.48 -14.29
CA ASN A 67 7.94 -25.46 -13.44
C ASN A 67 8.00 -26.84 -14.07
N GLY A 68 7.51 -26.98 -15.30
CA GLY A 68 7.65 -28.22 -16.03
C GLY A 68 6.61 -29.26 -15.69
N LEU A 69 5.53 -28.88 -15.02
CA LEU A 69 4.50 -29.86 -14.71
C LEU A 69 3.55 -29.99 -15.89
N ASN A 70 2.93 -31.17 -15.98
CA ASN A 70 2.03 -31.48 -17.07
C ASN A 70 0.67 -30.86 -16.75
N VAL A 71 0.52 -29.59 -17.13
CA VAL A 71 -0.68 -28.79 -16.88
C VAL A 71 -1.31 -28.44 -18.22
N ILE A 72 -2.65 -28.48 -18.27
CA ILE A 72 -3.45 -28.04 -19.42
C ILE A 72 -4.55 -27.11 -18.92
N ILE A 73 -5.15 -26.37 -19.85
CA ILE A 73 -6.23 -25.42 -19.55
C ILE A 73 -7.54 -25.91 -20.15
N GLY A 74 -8.62 -25.80 -19.38
CA GLY A 74 -9.94 -26.07 -19.91
C GLY A 74 -10.87 -24.88 -19.71
N VAL A 75 -11.39 -24.31 -20.81
CA VAL A 75 -12.29 -23.17 -20.75
C VAL A 75 -13.32 -23.30 -21.87
N ARG A 76 -14.39 -22.50 -21.77
CA ARG A 76 -15.39 -22.50 -22.83
C ARG A 76 -14.74 -22.13 -24.15
N LYS A 77 -14.82 -23.04 -25.10
CA LYS A 77 -14.23 -22.79 -26.41
C LYS A 77 -14.78 -21.49 -26.99
N ASN A 78 -13.88 -20.73 -27.61
CA ASN A 78 -14.23 -19.49 -28.28
C ASN A 78 -14.97 -18.50 -27.36
N GLY A 79 -14.74 -18.59 -26.05
CA GLY A 79 -15.10 -17.54 -25.11
C GLY A 79 -13.93 -16.60 -24.90
N ALA A 80 -14.09 -15.67 -23.94
CA ALA A 80 -13.02 -14.69 -23.73
C ALA A 80 -11.75 -15.34 -23.19
N SER A 81 -11.91 -16.22 -22.18
CA SER A 81 -10.76 -16.90 -21.57
C SER A 81 -10.00 -17.72 -22.59
N TRP A 82 -10.71 -18.34 -23.54
CA TRP A 82 -10.08 -19.11 -24.58
C TRP A 82 -9.02 -18.29 -25.30
N LYS A 83 -9.40 -17.08 -25.72
CA LYS A 83 -8.45 -16.25 -26.45
C LYS A 83 -7.37 -15.72 -25.52
N ALA A 84 -7.72 -15.43 -24.27
CA ALA A 84 -6.72 -14.98 -23.31
C ALA A 84 -5.67 -16.06 -23.08
N ALA A 85 -6.10 -17.33 -23.06
CA ALA A 85 -5.13 -18.41 -22.91
C ALA A 85 -4.27 -18.55 -24.16
N ILE A 86 -4.85 -18.37 -25.35
CA ILE A 86 -4.07 -18.47 -26.57
C ILE A 86 -2.94 -17.44 -26.57
N GLU A 87 -3.21 -16.24 -26.08
CA GLU A 87 -2.23 -15.16 -26.12
C GLU A 87 -1.18 -15.30 -25.03
N ASP A 88 -1.38 -16.17 -24.05
CA ASP A 88 -0.31 -16.58 -23.16
C ASP A 88 0.40 -17.83 -23.64
N GLY A 89 0.16 -18.25 -24.87
CA GLY A 89 0.90 -19.35 -25.44
C GLY A 89 0.33 -20.73 -25.23
N TRP A 90 -0.85 -20.87 -24.64
CA TRP A 90 -1.50 -22.17 -24.60
C TRP A 90 -2.05 -22.51 -25.98
N VAL A 91 -1.76 -23.72 -26.47
CA VAL A 91 -2.05 -24.09 -27.85
C VAL A 91 -3.26 -25.01 -27.86
N PRO A 92 -4.35 -24.62 -28.54
CA PRO A 92 -5.51 -25.51 -28.67
C PRO A 92 -5.11 -26.86 -29.23
N GLY A 93 -5.58 -27.92 -28.59
CA GLY A 93 -5.24 -29.26 -28.99
C GLY A 93 -4.00 -29.83 -28.36
N GLU A 94 -3.08 -28.98 -27.87
CA GLU A 94 -1.92 -29.47 -27.13
C GLU A 94 -2.10 -29.34 -25.63
N ASN A 95 -2.38 -28.13 -25.13
CA ASN A 95 -2.56 -27.93 -23.70
C ASN A 95 -3.67 -26.91 -23.42
N LEU A 96 -4.57 -26.69 -24.37
CA LEU A 96 -5.75 -25.87 -24.21
C LEU A 96 -6.93 -26.62 -24.82
N PHE A 97 -7.96 -26.89 -24.02
CA PHE A 97 -9.13 -27.64 -24.47
C PHE A 97 -10.39 -27.01 -23.90
N ASP A 98 -11.55 -27.47 -24.38
CA ASP A 98 -12.79 -27.14 -23.68
C ASP A 98 -12.82 -27.86 -22.33
N VAL A 99 -13.82 -27.52 -21.51
CA VAL A 99 -13.81 -27.93 -20.11
C VAL A 99 -13.93 -29.45 -20.00
N LYS A 100 -14.90 -30.05 -20.66
CA LYS A 100 -15.11 -31.50 -20.54
C LYS A 100 -13.88 -32.28 -20.99
N GLU A 101 -13.27 -31.86 -22.11
CA GLU A 101 -12.11 -32.59 -22.62
C GLU A 101 -10.91 -32.46 -21.71
N ALA A 102 -10.72 -31.30 -21.07
CA ALA A 102 -9.60 -31.14 -20.15
C ALA A 102 -9.76 -32.06 -18.95
N ILE A 103 -10.98 -32.15 -18.42
CA ILE A 103 -11.25 -32.97 -17.24
C ILE A 103 -11.04 -34.45 -17.56
N THR A 104 -11.42 -34.88 -18.77
CA THR A 104 -11.17 -36.26 -19.14
C THR A 104 -9.69 -36.58 -19.17
N LYS A 105 -8.86 -35.59 -19.52
CA LYS A 105 -7.44 -35.80 -19.69
C LYS A 105 -6.70 -35.73 -18.36
N GLY A 106 -7.25 -35.01 -17.38
CA GLY A 106 -6.53 -34.71 -16.16
C GLY A 106 -6.75 -35.73 -15.05
N THR A 107 -5.78 -35.78 -14.13
CA THR A 107 -5.93 -36.50 -12.87
C THR A 107 -6.19 -35.58 -11.70
N ILE A 108 -5.64 -34.37 -11.73
CA ILE A 108 -5.89 -33.33 -10.74
C ILE A 108 -6.70 -32.26 -11.44
N ILE A 109 -7.92 -32.02 -10.96
CA ILE A 109 -8.89 -31.13 -11.59
C ILE A 109 -8.96 -29.86 -10.75
N MET A 110 -8.40 -28.77 -11.27
CA MET A 110 -8.31 -27.52 -10.53
C MET A 110 -9.48 -26.65 -10.95
N ASN A 111 -10.49 -26.56 -10.09
CA ASN A 111 -11.70 -25.82 -10.43
C ASN A 111 -11.47 -24.33 -10.16
N LEU A 112 -10.97 -23.64 -11.18
CA LEU A 112 -10.67 -22.22 -11.11
C LEU A 112 -11.61 -21.40 -12.02
N LEU A 113 -12.83 -21.87 -12.20
CA LEU A 113 -13.88 -21.05 -12.78
C LEU A 113 -14.32 -20.00 -11.77
N SER A 114 -15.04 -18.99 -12.24
CA SER A 114 -15.63 -18.05 -11.31
C SER A 114 -16.46 -18.81 -10.27
N ASP A 115 -16.53 -18.25 -9.08
CA ASP A 115 -17.26 -18.95 -8.03
C ASP A 115 -18.71 -19.16 -8.43
N ALA A 116 -19.30 -18.17 -9.10
CA ALA A 116 -20.65 -18.33 -9.63
C ALA A 116 -20.70 -19.47 -10.64
N ALA A 117 -19.77 -19.48 -11.59
CA ALA A 117 -19.77 -20.49 -12.63
C ALA A 117 -19.46 -21.87 -12.07
N GLN A 118 -18.77 -21.94 -10.93
CA GLN A 118 -18.57 -23.24 -10.29
C GLN A 118 -19.91 -23.87 -9.96
N SER A 119 -20.84 -23.07 -9.42
CA SER A 119 -22.18 -23.55 -9.11
C SER A 119 -22.96 -23.88 -10.39
N GLU A 120 -22.92 -23.00 -11.40
CA GLU A 120 -23.74 -23.21 -12.58
C GLU A 120 -23.35 -24.49 -13.32
N THR A 121 -22.04 -24.74 -13.45
CA THR A 121 -21.51 -25.87 -14.20
C THR A 121 -21.47 -27.17 -13.42
N TRP A 122 -21.71 -27.15 -12.10
CA TRP A 122 -21.42 -28.33 -11.29
C TRP A 122 -22.27 -29.55 -11.62
N PRO A 123 -23.56 -29.44 -11.91
CA PRO A 123 -24.28 -30.66 -12.33
C PRO A 123 -23.62 -31.37 -13.49
N ASP A 124 -22.96 -30.65 -14.40
CA ASP A 124 -22.35 -31.28 -15.57
C ASP A 124 -20.94 -31.81 -15.31
N LEU A 125 -20.18 -31.19 -14.42
CA LEU A 125 -18.81 -31.64 -14.19
C LEU A 125 -18.71 -32.75 -13.15
N LYS A 126 -19.61 -32.79 -12.16
CA LYS A 126 -19.54 -33.82 -11.13
C LYS A 126 -19.43 -35.24 -11.67
N PRO A 127 -20.20 -35.67 -12.69
CA PRO A 127 -20.01 -37.04 -13.20
C PRO A 127 -18.63 -37.29 -13.80
N LEU A 128 -17.86 -36.26 -14.09
CA LEU A 128 -16.54 -36.45 -14.68
C LEU A 128 -15.43 -36.58 -13.66
N ILE A 129 -15.67 -36.17 -12.41
CA ILE A 129 -14.66 -36.30 -11.36
C ILE A 129 -14.79 -37.70 -10.79
N THR A 130 -14.17 -38.67 -11.48
CA THR A 130 -14.28 -40.08 -11.16
C THR A 130 -13.22 -40.49 -10.14
N GLU A 131 -13.36 -41.72 -9.65
CA GLU A 131 -12.38 -42.31 -8.74
C GLU A 131 -10.98 -42.18 -9.32
N GLY A 132 -9.98 -42.05 -8.44
CA GLY A 132 -8.62 -41.83 -8.87
C GLY A 132 -8.29 -40.40 -9.23
N LYS A 133 -9.29 -39.55 -9.44
CA LYS A 133 -9.03 -38.14 -9.69
C LYS A 133 -9.06 -37.36 -8.38
N THR A 134 -8.46 -36.17 -8.40
CA THR A 134 -8.38 -35.27 -7.27
C THR A 134 -9.05 -33.97 -7.66
N LEU A 135 -9.93 -33.47 -6.79
CA LEU A 135 -10.64 -32.22 -7.05
C LEU A 135 -10.01 -31.14 -6.20
N TYR A 136 -9.69 -30.01 -6.82
CA TYR A 136 -8.91 -28.96 -6.19
C TYR A 136 -9.60 -27.61 -6.36
N PHE A 137 -9.59 -26.80 -5.30
CA PHE A 137 -10.16 -25.46 -5.29
C PHE A 137 -9.11 -24.46 -4.82
N SER A 138 -9.35 -23.17 -5.08
CA SER A 138 -8.54 -22.11 -4.52
C SER A 138 -9.35 -21.15 -3.65
N HIS A 139 -10.52 -21.60 -3.22
CA HIS A 139 -11.48 -20.86 -2.42
C HIS A 139 -12.50 -21.88 -1.90
N GLY A 140 -12.90 -21.72 -0.64
CA GLY A 140 -13.94 -22.57 -0.05
C GLY A 140 -15.35 -22.22 -0.44
N PHE A 141 -15.54 -21.24 -1.33
CA PHE A 141 -16.85 -20.69 -1.66
C PHE A 141 -17.84 -21.80 -2.01
N SER A 142 -17.53 -22.62 -3.02
CA SER A 142 -18.51 -23.56 -3.54
C SER A 142 -18.84 -24.68 -2.57
N PRO A 143 -17.88 -25.46 -2.05
CA PRO A 143 -18.26 -26.63 -1.25
C PRO A 143 -18.79 -26.29 0.13
N VAL A 144 -18.53 -25.09 0.64
CA VAL A 144 -18.92 -24.79 2.01
C VAL A 144 -20.35 -24.24 2.07
N PHE A 145 -20.74 -23.43 1.10
CA PHE A 145 -22.09 -22.86 1.08
C PHE A 145 -23.02 -23.72 0.21
N LYS A 146 -23.04 -25.02 0.48
CA LYS A 146 -23.78 -25.97 -0.35
C LYS A 146 -25.26 -25.63 -0.45
N ASP A 147 -25.84 -25.03 0.59
CA ASP A 147 -27.26 -24.68 0.52
C ASP A 147 -27.54 -23.68 -0.61
N LEU A 148 -26.55 -22.88 -0.97
CA LEU A 148 -26.72 -21.87 -2.02
C LEU A 148 -26.05 -22.26 -3.33
N THR A 149 -24.93 -23.00 -3.26
CA THR A 149 -24.17 -23.38 -4.44
C THR A 149 -24.52 -24.75 -4.99
N LYS A 150 -25.11 -25.62 -4.17
CA LYS A 150 -25.46 -27.01 -4.51
C LYS A 150 -24.24 -27.85 -4.90
N VAL A 151 -23.04 -27.45 -4.47
CA VAL A 151 -21.82 -28.19 -4.80
C VAL A 151 -21.51 -29.18 -3.69
N GLU A 152 -21.73 -30.47 -3.98
CA GLU A 152 -21.34 -31.57 -3.10
C GLU A 152 -20.20 -32.35 -3.76
N PRO A 153 -18.96 -32.17 -3.33
CA PRO A 153 -17.85 -32.98 -3.89
C PRO A 153 -18.08 -34.47 -3.67
N PRO A 154 -17.72 -35.30 -4.66
CA PRO A 154 -17.98 -36.75 -4.51
C PRO A 154 -17.17 -37.32 -3.35
N SER A 155 -17.78 -38.29 -2.65
CA SER A 155 -17.20 -38.78 -1.41
C SER A 155 -16.02 -39.72 -1.63
N ASN A 156 -15.74 -40.09 -2.87
CA ASN A 156 -14.68 -41.06 -3.20
C ASN A 156 -13.46 -40.41 -3.86
N VAL A 157 -13.31 -39.09 -3.79
CA VAL A 157 -12.12 -38.44 -4.32
C VAL A 157 -11.53 -37.54 -3.24
N ASP A 158 -10.22 -37.35 -3.31
CA ASP A 158 -9.61 -36.31 -2.48
C ASP A 158 -10.12 -34.94 -2.93
N VAL A 159 -10.35 -34.05 -1.97
CA VAL A 159 -10.80 -32.69 -2.25
C VAL A 159 -9.89 -31.75 -1.48
N ILE A 160 -9.04 -31.01 -2.19
CA ILE A 160 -8.01 -30.19 -1.58
C ILE A 160 -8.18 -28.74 -2.03
N LEU A 161 -7.48 -27.85 -1.33
CA LEU A 161 -7.53 -26.42 -1.60
C LEU A 161 -6.13 -25.83 -1.45
N ALA A 162 -5.77 -24.94 -2.35
CA ALA A 162 -4.61 -24.06 -2.20
C ALA A 162 -5.05 -22.67 -2.60
N ALA A 163 -4.93 -21.70 -1.69
CA ALA A 163 -5.53 -20.38 -1.86
C ALA A 163 -4.48 -19.29 -1.79
N PRO A 164 -4.01 -18.79 -2.93
CA PRO A 164 -3.02 -17.70 -2.92
C PRO A 164 -3.63 -16.40 -2.39
N LYS A 165 -2.93 -15.78 -1.45
CA LYS A 165 -3.40 -14.54 -0.83
C LYS A 165 -2.85 -13.34 -1.60
N GLY A 166 -3.27 -13.25 -2.85
CA GLY A 166 -2.90 -12.14 -3.70
C GLY A 166 -3.59 -12.27 -5.03
N SER A 167 -3.47 -11.23 -5.84
CA SER A 167 -4.04 -11.28 -7.18
C SER A 167 -3.27 -12.30 -8.01
N GLY A 168 -4.02 -13.09 -8.80
CA GLY A 168 -3.37 -13.98 -9.75
C GLY A 168 -2.30 -13.30 -10.59
N ARG A 169 -2.44 -11.98 -10.84
CA ARG A 169 -1.40 -11.30 -11.62
C ARG A 169 -0.10 -11.21 -10.81
N THR A 170 -0.21 -11.02 -9.50
CA THR A 170 0.97 -10.99 -8.65
C THR A 170 1.47 -12.39 -8.28
N VAL A 171 0.62 -13.42 -8.30
CA VAL A 171 1.13 -14.78 -8.16
C VAL A 171 2.16 -15.06 -9.24
N ARG A 172 1.86 -14.61 -10.48
CA ARG A 172 2.76 -14.78 -11.60
C ARG A 172 3.99 -13.87 -11.48
N SER A 173 3.77 -12.57 -11.27
CA SER A 173 4.88 -11.64 -11.35
C SER A 173 5.87 -11.82 -10.19
N LEU A 174 5.39 -12.11 -8.97
CA LEU A 174 6.32 -12.35 -7.87
C LEU A 174 7.17 -13.59 -8.13
N PHE A 175 6.53 -14.66 -8.60
CA PHE A 175 7.25 -15.89 -8.89
C PHE A 175 8.38 -15.65 -9.90
N LEU A 176 8.13 -14.80 -10.91
CA LEU A 176 9.16 -14.50 -11.90
C LEU A 176 10.34 -13.76 -11.30
N GLU A 177 10.11 -12.97 -10.25
CA GLU A 177 11.08 -12.14 -9.54
C GLU A 177 11.84 -12.92 -8.47
N GLY A 178 11.60 -14.22 -8.32
CA GLY A 178 12.20 -14.91 -7.19
C GLY A 178 11.46 -14.81 -5.88
N ARG A 179 10.26 -14.21 -5.88
CA ARG A 179 9.41 -13.98 -4.71
C ARG A 179 8.19 -14.91 -4.80
N GLY A 180 7.19 -14.66 -3.97
CA GLY A 180 5.99 -15.46 -4.12
C GLY A 180 4.85 -15.11 -3.19
N ILE A 181 3.64 -15.24 -3.70
CA ILE A 181 2.45 -14.98 -2.90
C ILE A 181 2.21 -16.15 -1.96
N ASN A 182 1.84 -15.84 -0.71
CA ASN A 182 1.56 -16.89 0.26
C ASN A 182 0.24 -17.60 -0.06
N SER A 183 0.14 -18.86 0.39
CA SER A 183 -1.04 -19.66 0.13
C SER A 183 -1.51 -20.39 1.38
N SER A 184 -2.83 -20.48 1.53
CA SER A 184 -3.47 -21.43 2.42
C SER A 184 -3.63 -22.77 1.74
N TYR A 185 -3.52 -23.85 2.50
CA TYR A 185 -3.94 -25.16 2.04
C TYR A 185 -4.95 -25.74 3.02
N ALA A 186 -5.84 -26.56 2.50
CA ALA A 186 -6.86 -27.21 3.32
C ALA A 186 -7.28 -28.48 2.61
N VAL A 187 -7.71 -29.46 3.40
CA VAL A 187 -8.25 -30.71 2.91
C VAL A 187 -9.73 -30.76 3.28
N TRP A 188 -10.59 -30.94 2.28
CA TRP A 188 -12.01 -31.09 2.54
C TRP A 188 -12.44 -32.55 2.59
N ASN A 189 -11.66 -33.46 1.98
CA ASN A 189 -11.96 -34.89 1.96
C ASN A 189 -10.68 -35.64 1.62
N ASP A 190 -10.34 -36.63 2.43
CA ASP A 190 -9.14 -37.45 2.27
C ASP A 190 -9.56 -38.91 2.17
N VAL A 191 -9.43 -39.49 0.98
CA VAL A 191 -9.82 -40.88 0.76
C VAL A 191 -8.61 -41.77 0.55
N THR A 192 -7.44 -41.21 0.23
CA THR A 192 -6.25 -41.98 -0.09
C THR A 192 -5.22 -41.98 1.01
N GLY A 193 -5.33 -41.07 1.97
CA GLY A 193 -4.22 -40.78 2.87
C GLY A 193 -3.14 -39.93 2.24
N LYS A 194 -3.46 -39.18 1.19
CA LYS A 194 -2.48 -38.36 0.50
C LYS A 194 -3.01 -36.98 0.14
N ALA A 195 -4.25 -36.65 0.49
CA ALA A 195 -4.82 -35.36 0.14
C ALA A 195 -3.94 -34.20 0.64
N GLU A 196 -3.52 -34.25 1.91
CA GLU A 196 -2.70 -33.19 2.47
C GLU A 196 -1.41 -33.02 1.68
N GLU A 197 -0.67 -34.11 1.44
CA GLU A 197 0.59 -34.02 0.70
C GLU A 197 0.41 -33.43 -0.68
N LYS A 198 -0.68 -33.82 -1.38
CA LYS A 198 -0.97 -33.23 -2.68
C LYS A 198 -1.31 -31.75 -2.56
N ALA A 199 -2.03 -31.35 -1.51
CA ALA A 199 -2.36 -29.94 -1.34
C ALA A 199 -1.12 -29.10 -1.09
N ILE A 200 -0.17 -29.61 -0.29
CA ILE A 200 1.04 -28.85 -0.02
C ILE A 200 1.94 -28.82 -1.26
N ALA A 201 2.14 -29.96 -1.90
CA ALA A 201 2.92 -29.97 -3.12
C ALA A 201 2.31 -29.05 -4.18
N MET A 202 0.99 -29.11 -4.38
CA MET A 202 0.33 -28.20 -5.32
C MET A 202 0.62 -26.75 -4.94
N ALA A 203 0.47 -26.44 -3.64
CA ALA A 203 0.68 -25.07 -3.18
C ALA A 203 2.07 -24.57 -3.55
N VAL A 204 3.09 -25.45 -3.51
CA VAL A 204 4.42 -24.97 -3.88
C VAL A 204 4.55 -24.92 -5.39
N ALA A 205 3.99 -25.91 -6.09
CA ALA A 205 4.09 -25.98 -7.54
C ALA A 205 3.48 -24.76 -8.24
N ILE A 206 2.52 -24.09 -7.60
CA ILE A 206 1.86 -22.96 -8.27
C ILE A 206 2.64 -21.67 -7.99
N GLY A 207 3.77 -21.78 -7.31
CA GLY A 207 4.63 -20.63 -7.07
C GLY A 207 4.42 -19.88 -5.78
N SER A 208 3.76 -20.47 -4.79
CA SER A 208 3.58 -19.82 -3.50
C SER A 208 4.92 -19.55 -2.81
N GLY A 209 4.90 -18.57 -1.90
CA GLY A 209 6.06 -18.23 -1.09
C GLY A 209 6.24 -19.12 0.13
N TYR A 210 5.38 -18.95 1.13
CA TYR A 210 5.20 -19.97 2.14
C TYR A 210 3.75 -20.41 2.17
N VAL A 211 3.52 -21.61 2.69
CA VAL A 211 2.19 -22.21 2.73
C VAL A 211 1.83 -22.50 4.18
N TYR A 212 0.63 -22.12 4.58
CA TYR A 212 0.15 -22.37 5.92
C TYR A 212 -1.22 -23.03 5.85
N GLN A 213 -1.57 -23.68 6.96
CA GLN A 213 -2.74 -24.56 7.02
C GLN A 213 -4.00 -23.80 7.44
N THR A 214 -5.12 -24.18 6.82
CA THR A 214 -6.43 -23.65 7.17
C THR A 214 -7.47 -24.75 6.98
N THR A 215 -8.74 -24.37 6.94
CA THR A 215 -9.83 -25.24 6.52
C THR A 215 -10.63 -24.51 5.46
N PHE A 216 -11.48 -25.26 4.73
CA PHE A 216 -12.29 -24.63 3.69
C PHE A 216 -13.18 -23.53 4.27
N GLU A 217 -13.81 -23.80 5.42
CA GLU A 217 -14.68 -22.81 6.04
C GLU A 217 -13.90 -21.58 6.52
N ARG A 218 -12.81 -21.77 7.28
CA ARG A 218 -12.00 -20.61 7.69
C ARG A 218 -11.60 -19.78 6.48
N GLU A 219 -11.17 -20.44 5.40
CA GLU A 219 -10.63 -19.72 4.26
C GLU A 219 -11.67 -18.83 3.61
N VAL A 220 -12.88 -19.36 3.42
CA VAL A 220 -13.86 -18.59 2.63
C VAL A 220 -14.35 -17.40 3.45
N ASN A 221 -14.45 -17.56 4.77
CA ASN A 221 -14.84 -16.45 5.63
C ASN A 221 -13.77 -15.36 5.67
N SER A 222 -12.49 -15.76 5.78
CA SER A 222 -11.38 -14.80 5.71
C SER A 222 -11.37 -14.09 4.36
N ASP A 223 -11.30 -14.86 3.27
CA ASP A 223 -11.18 -14.29 1.94
C ASP A 223 -12.30 -13.31 1.63
N LEU A 224 -13.56 -13.75 1.77
CA LEU A 224 -14.68 -12.88 1.45
C LEU A 224 -14.64 -11.60 2.27
N TYR A 225 -14.22 -11.70 3.53
CA TYR A 225 -14.13 -10.56 4.42
C TYR A 225 -13.05 -9.57 3.97
N GLY A 226 -11.83 -10.07 3.74
CA GLY A 226 -10.72 -9.18 3.43
C GLY A 226 -10.91 -8.42 2.12
N GLU A 227 -11.38 -9.09 1.07
CA GLU A 227 -11.48 -8.39 -0.21
C GLU A 227 -12.54 -7.29 -0.14
N ARG A 228 -13.62 -7.53 0.61
CA ARG A 228 -14.57 -6.45 0.87
C ARG A 228 -14.02 -5.41 1.82
N GLY A 229 -13.11 -5.81 2.71
CA GLY A 229 -12.46 -4.89 3.64
C GLY A 229 -11.27 -4.17 3.04
N CYS A 230 -10.17 -4.09 3.79
CA CYS A 230 -9.09 -3.17 3.43
C CYS A 230 -8.38 -3.57 2.13
N LEU A 231 -8.44 -4.86 1.76
CA LEU A 231 -7.72 -5.29 0.55
C LEU A 231 -8.25 -4.56 -0.67
N MET A 232 -9.56 -4.34 -0.77
CA MET A 232 -10.12 -3.67 -1.94
C MET A 232 -11.22 -2.67 -1.60
N GLY A 233 -12.29 -3.12 -0.92
CA GLY A 233 -13.41 -2.23 -0.67
C GLY A 233 -13.10 -1.15 0.35
N GLY A 234 -12.41 -1.51 1.43
CA GLY A 234 -12.12 -0.52 2.46
C GLY A 234 -11.13 0.52 1.99
N ILE A 235 -10.03 0.08 1.36
CA ILE A 235 -9.00 1.04 0.98
C ILE A 235 -9.58 2.05 0.01
N HIS A 236 -10.46 1.60 -0.88
CA HIS A 236 -11.03 2.50 -1.87
C HIS A 236 -11.99 3.49 -1.22
N GLY A 237 -12.89 3.01 -0.37
CA GLY A 237 -13.75 3.92 0.36
C GLY A 237 -12.96 4.94 1.18
N MET A 238 -11.87 4.49 1.80
CA MET A 238 -11.01 5.40 2.55
C MET A 238 -10.48 6.51 1.65
N PHE A 239 -9.85 6.11 0.52
CA PHE A 239 -9.32 7.09 -0.42
C PHE A 239 -10.40 8.07 -0.86
N LEU A 240 -11.58 7.55 -1.20
CA LEU A 240 -12.65 8.40 -1.70
C LEU A 240 -13.08 9.43 -0.68
N ALA A 241 -13.22 9.00 0.58
CA ALA A 241 -13.68 9.89 1.63
C ALA A 241 -12.64 10.97 1.91
N GLN A 242 -11.38 10.58 2.06
CA GLN A 242 -10.35 11.55 2.40
C GLN A 242 -10.17 12.56 1.26
N TYR A 243 -10.12 12.07 0.02
CA TYR A 243 -9.97 12.96 -1.12
C TYR A 243 -11.11 13.97 -1.22
N GLU A 244 -12.35 13.52 -0.97
CA GLU A 244 -13.50 14.42 -1.09
C GLU A 244 -13.43 15.57 -0.11
N VAL A 245 -13.08 15.29 1.15
CA VAL A 245 -12.99 16.35 2.16
C VAL A 245 -11.95 17.37 1.74
N LEU A 246 -10.85 16.92 1.14
CA LEU A 246 -9.83 17.85 0.70
C LEU A 246 -10.33 18.72 -0.45
N ARG A 247 -10.96 18.11 -1.45
CA ARG A 247 -11.46 18.88 -2.59
C ARG A 247 -12.54 19.88 -2.16
N GLU A 248 -13.41 19.50 -1.21
CA GLU A 248 -14.44 20.42 -0.75
C GLU A 248 -13.86 21.62 -0.02
N ASN A 249 -12.65 21.50 0.53
CA ASN A 249 -12.01 22.61 1.23
C ASN A 249 -10.98 23.33 0.37
N GLY A 250 -11.08 23.22 -0.96
CA GLY A 250 -10.34 24.05 -1.87
C GLY A 250 -9.04 23.45 -2.40
N HIS A 251 -8.55 22.37 -1.79
CA HIS A 251 -7.24 21.83 -2.19
C HIS A 251 -7.30 21.33 -3.62
N THR A 252 -6.31 21.73 -4.43
CA THR A 252 -6.27 21.34 -5.83
C THR A 252 -6.22 19.81 -5.95
N PRO A 253 -6.61 19.27 -7.11
CA PRO A 253 -6.56 17.81 -7.29
C PRO A 253 -5.18 17.22 -7.09
N SER A 254 -4.13 17.85 -7.62
CA SER A 254 -2.79 17.29 -7.48
C SER A 254 -2.39 17.20 -6.02
N GLU A 255 -2.67 18.24 -5.24
CA GLU A 255 -2.38 18.21 -3.82
C GLU A 255 -3.18 17.12 -3.12
N ALA A 256 -4.50 17.10 -3.33
CA ALA A 256 -5.35 16.10 -2.67
C ALA A 256 -4.97 14.67 -3.08
N PHE A 257 -4.58 14.45 -4.34
CA PHE A 257 -4.21 13.09 -4.72
C PHE A 257 -2.89 12.67 -4.13
N ASN A 258 -1.90 13.58 -4.10
CA ASN A 258 -0.60 13.24 -3.52
C ASN A 258 -0.72 13.01 -2.01
N GLU A 259 -1.64 13.70 -1.34
CA GLU A 259 -1.78 13.51 0.09
C GLU A 259 -2.67 12.32 0.44
N THR A 260 -3.25 11.64 -0.55
CA THR A 260 -4.18 10.56 -0.29
C THR A 260 -3.71 9.23 -0.87
N VAL A 261 -3.35 9.21 -2.15
CA VAL A 261 -3.04 7.98 -2.86
C VAL A 261 -1.54 7.86 -3.16
N GLU A 262 -0.95 8.91 -3.77
CA GLU A 262 0.43 8.80 -4.24
C GLU A 262 1.42 8.61 -3.09
N GLU A 263 1.35 9.47 -2.06
CA GLU A 263 2.30 9.31 -0.96
C GLU A 263 2.14 7.94 -0.31
N ALA A 264 0.92 7.42 -0.28
CA ALA A 264 0.68 6.12 0.32
C ALA A 264 1.33 5.00 -0.48
N THR A 265 0.97 4.88 -1.77
CA THR A 265 1.42 3.71 -2.54
C THR A 265 2.88 3.80 -2.97
N GLN A 266 3.40 5.02 -3.15
CA GLN A 266 4.76 5.19 -3.60
C GLN A 266 5.75 5.38 -2.45
N SER A 267 5.28 5.60 -1.23
CA SER A 267 6.24 5.77 -0.15
C SER A 267 5.84 4.97 1.09
N LEU A 268 4.75 5.37 1.76
CA LEU A 268 4.51 4.86 3.10
C LEU A 268 3.99 3.42 3.12
N TYR A 269 3.08 3.05 2.24
CA TYR A 269 2.59 1.66 2.35
C TYR A 269 3.67 0.63 2.02
N PRO A 270 4.58 0.88 1.07
CA PRO A 270 5.69 -0.08 0.89
C PRO A 270 6.62 -0.19 2.08
N LEU A 271 6.80 0.88 2.86
CA LEU A 271 7.60 0.79 4.08
C LEU A 271 6.92 -0.12 5.10
N ILE A 272 5.60 0.04 5.29
CA ILE A 272 4.85 -0.89 6.14
C ILE A 272 5.14 -2.32 5.73
N GLY A 273 5.06 -2.60 4.44
CA GLY A 273 5.23 -3.97 3.99
C GLY A 273 6.65 -4.47 4.06
N LYS A 274 7.62 -3.57 4.00
CA LYS A 274 8.99 -4.06 4.05
C LYS A 274 9.47 -4.26 5.49
N TYR A 275 9.03 -3.41 6.42
CA TYR A 275 9.61 -3.34 7.75
C TYR A 275 8.59 -3.26 8.89
N GLY A 276 7.30 -3.20 8.61
CA GLY A 276 6.30 -3.10 9.65
C GLY A 276 5.88 -1.66 9.91
N MET A 277 4.77 -1.53 10.63
CA MET A 277 4.13 -0.23 10.82
C MET A 277 4.95 0.71 11.69
N ASP A 278 5.65 0.17 12.69
CA ASP A 278 6.46 1.01 13.57
C ASP A 278 7.63 1.62 12.82
N TYR A 279 8.24 0.84 11.93
CA TYR A 279 9.34 1.37 11.13
C TYR A 279 8.86 2.51 10.25
N MET A 280 7.70 2.35 9.63
CA MET A 280 7.18 3.42 8.80
C MET A 280 6.86 4.67 9.63
N TYR A 281 6.30 4.49 10.82
CA TYR A 281 6.07 5.64 11.71
C TYR A 281 7.38 6.35 12.01
N ASP A 282 8.41 5.58 12.38
CA ASP A 282 9.70 6.16 12.74
C ASP A 282 10.43 6.80 11.57
N ALA A 283 10.03 6.48 10.34
CA ALA A 283 10.64 7.09 9.17
C ALA A 283 10.00 8.42 8.78
N CYS A 284 9.00 8.89 9.52
CA CYS A 284 8.32 10.16 9.27
C CYS A 284 8.61 11.14 10.41
N SER A 285 8.05 12.34 10.29
CA SER A 285 8.43 13.39 11.22
C SER A 285 7.84 13.16 12.60
N THR A 286 8.40 13.88 13.58
CA THR A 286 7.82 13.88 14.91
C THR A 286 6.38 14.38 14.88
N THR A 287 6.08 15.31 13.97
CA THR A 287 4.72 15.82 13.85
C THR A 287 3.76 14.73 13.37
N ALA A 288 4.13 14.03 12.30
CA ALA A 288 3.26 12.99 11.78
C ALA A 288 3.17 11.81 12.74
N ARG A 289 4.22 11.56 13.52
CA ARG A 289 4.13 10.48 14.51
C ARG A 289 3.13 10.84 15.59
N ARG A 290 3.25 12.02 16.18
CA ARG A 290 2.26 12.45 17.15
C ARG A 290 0.86 12.41 16.56
N GLY A 291 0.71 12.88 15.31
CA GLY A 291 -0.61 12.89 14.68
C GLY A 291 -1.15 11.50 14.40
N ALA A 292 -0.28 10.58 13.97
CA ALA A 292 -0.75 9.24 13.62
C ALA A 292 -1.05 8.40 14.86
N LEU A 293 -0.27 8.58 15.94
CA LEU A 293 -0.59 7.88 17.19
C LEU A 293 -1.87 8.41 17.80
N ASP A 294 -2.14 9.70 17.65
CA ASP A 294 -3.38 10.28 18.13
C ASP A 294 -4.59 9.70 17.39
N TRP A 295 -4.50 9.53 16.07
CA TRP A 295 -5.72 9.26 15.32
C TRP A 295 -5.93 7.80 14.92
N TYR A 296 -4.95 6.92 15.07
CA TYR A 296 -5.31 5.57 14.63
C TYR A 296 -6.33 4.90 15.56
N PRO A 297 -6.36 5.16 16.88
CA PRO A 297 -7.48 4.62 17.67
C PRO A 297 -8.83 5.16 17.24
N ARG A 298 -8.90 6.43 16.83
CA ARG A 298 -10.16 6.99 16.34
C ARG A 298 -10.60 6.34 15.03
N PHE A 299 -9.66 5.96 14.17
CA PHE A 299 -10.02 5.26 12.94
C PHE A 299 -10.37 3.80 13.20
N LYS A 300 -9.72 3.17 14.18
CA LYS A 300 -10.07 1.80 14.52
C LYS A 300 -11.49 1.71 15.05
N ASP A 301 -11.88 2.66 15.90
CA ASP A 301 -13.22 2.58 16.47
C ASP A 301 -14.29 2.96 15.47
N ALA A 302 -13.99 3.87 14.54
CA ALA A 302 -14.98 4.23 13.52
C ALA A 302 -15.26 3.10 12.56
N LEU A 303 -14.31 2.16 12.40
CA LEU A 303 -14.42 1.08 11.42
C LEU A 303 -14.80 -0.27 12.02
N LYS A 304 -14.53 -0.49 13.31
CA LYS A 304 -14.86 -1.75 13.96
C LYS A 304 -16.34 -2.14 13.82
N PRO A 305 -17.31 -1.25 14.03
CA PRO A 305 -18.71 -1.65 13.75
C PRO A 305 -18.91 -2.10 12.31
N VAL A 306 -18.34 -1.36 11.36
CA VAL A 306 -18.46 -1.74 9.95
C VAL A 306 -17.88 -3.14 9.71
N PHE A 307 -16.82 -3.50 10.44
CA PHE A 307 -16.12 -4.75 10.15
C PHE A 307 -16.83 -5.97 10.73
N VAL A 308 -17.37 -5.85 11.95
CA VAL A 308 -18.12 -6.95 12.54
C VAL A 308 -19.45 -7.14 11.84
N GLU A 309 -19.95 -6.09 11.18
CA GLU A 309 -21.17 -6.22 10.39
C GLU A 309 -20.87 -6.87 9.04
N LEU A 310 -19.72 -6.55 8.45
CA LEU A 310 -19.31 -7.19 7.21
C LEU A 310 -18.99 -8.67 7.43
N TYR A 311 -18.34 -9.00 8.54
CA TYR A 311 -18.12 -10.41 8.84
C TYR A 311 -19.44 -11.17 9.00
N GLU A 312 -20.48 -10.50 9.51
CA GLU A 312 -21.78 -11.14 9.62
C GLU A 312 -22.39 -11.38 8.25
N SER A 313 -22.26 -10.41 7.34
CA SER A 313 -22.77 -10.58 5.99
C SER A 313 -22.07 -11.73 5.28
N VAL A 314 -20.81 -12.01 5.64
CA VAL A 314 -20.09 -13.13 5.06
C VAL A 314 -20.57 -14.45 5.66
N LYS A 315 -20.64 -14.53 6.99
CA LYS A 315 -20.98 -15.79 7.65
C LYS A 315 -22.38 -16.26 7.30
N ASN A 316 -23.36 -15.36 7.30
CA ASN A 316 -24.74 -15.79 7.08
C ASN A 316 -25.03 -16.14 5.61
N GLY A 317 -24.19 -15.68 4.68
CA GLY A 317 -24.31 -16.06 3.28
C GLY A 317 -24.80 -14.97 2.35
N THR A 318 -24.98 -13.74 2.83
CA THR A 318 -25.50 -12.67 1.99
C THR A 318 -24.55 -12.37 0.83
N GLU A 319 -23.25 -12.19 1.13
CA GLU A 319 -22.29 -11.86 0.09
C GLU A 319 -22.20 -12.98 -0.94
N THR A 320 -22.32 -14.22 -0.49
CA THR A 320 -22.33 -15.34 -1.42
C THR A 320 -23.55 -15.29 -2.34
N GLN A 321 -24.74 -15.10 -1.77
CA GLN A 321 -25.94 -14.91 -2.58
C GLN A 321 -25.72 -13.81 -3.62
N ARG A 322 -25.22 -12.65 -3.18
CA ARG A 322 -24.98 -11.53 -4.08
C ARG A 322 -24.15 -11.96 -5.29
N SER A 323 -23.06 -12.69 -5.04
CA SER A 323 -22.16 -13.07 -6.14
C SER A 323 -22.79 -14.14 -7.02
N LEU A 324 -23.47 -15.11 -6.42
CA LEU A 324 -24.18 -16.11 -7.21
C LEU A 324 -25.21 -15.44 -8.12
N ASP A 325 -25.89 -14.40 -7.63
CA ASP A 325 -26.96 -13.79 -8.41
C ASP A 325 -26.44 -12.84 -9.48
N PHE A 326 -25.43 -12.03 -9.16
CA PHE A 326 -24.89 -11.10 -10.14
C PHE A 326 -23.98 -11.82 -11.13
N ASN A 327 -22.96 -12.53 -10.63
CA ASN A 327 -22.00 -13.16 -11.52
C ASN A 327 -22.57 -14.41 -12.18
N GLY A 328 -23.64 -14.97 -11.63
CA GLY A 328 -24.30 -16.09 -12.28
C GLY A 328 -25.07 -15.71 -13.53
N ALA A 329 -25.22 -14.40 -13.79
CA ALA A 329 -25.88 -13.95 -14.99
C ALA A 329 -24.95 -14.16 -16.19
N PRO A 330 -25.51 -14.45 -17.37
CA PRO A 330 -24.64 -14.63 -18.55
C PRO A 330 -23.90 -13.36 -18.95
N ASP A 331 -24.52 -12.18 -18.76
CA ASP A 331 -23.91 -10.89 -19.06
C ASP A 331 -23.19 -10.28 -17.86
N TYR A 332 -22.64 -11.11 -16.96
CA TYR A 332 -21.95 -10.58 -15.79
C TYR A 332 -20.74 -9.76 -16.20
N ARG A 333 -20.04 -10.20 -17.26
CA ARG A 333 -18.85 -9.48 -17.72
C ARG A 333 -19.19 -8.06 -18.14
N GLU A 334 -20.30 -7.89 -18.86
CA GLU A 334 -20.68 -6.58 -19.40
C GLU A 334 -21.06 -5.61 -18.31
N ARG A 335 -21.74 -6.09 -17.25
CA ARG A 335 -22.21 -5.16 -16.23
C ARG A 335 -21.19 -4.89 -15.15
N LEU A 336 -20.31 -5.85 -14.88
CA LEU A 336 -19.17 -5.57 -14.03
C LEU A 336 -18.31 -4.47 -14.63
N GLU A 337 -18.09 -4.54 -15.95
CA GLU A 337 -17.29 -3.53 -16.63
C GLU A 337 -17.95 -2.16 -16.56
N GLU A 338 -19.28 -2.13 -16.52
CA GLU A 338 -19.99 -0.88 -16.33
C GLU A 338 -19.61 -0.23 -15.00
N GLU A 339 -19.59 -1.02 -13.92
CA GLU A 339 -19.30 -0.45 -12.60
C GLU A 339 -17.82 -0.12 -12.45
N LEU A 340 -16.95 -0.84 -13.16
CA LEU A 340 -15.55 -0.44 -13.17
C LEU A 340 -15.37 0.87 -13.92
N GLU A 341 -16.19 1.11 -14.95
CA GLU A 341 -16.15 2.38 -15.65
C GLU A 341 -16.53 3.53 -14.74
N THR A 342 -17.47 3.30 -13.81
CA THR A 342 -17.80 4.35 -12.85
C THR A 342 -16.59 4.71 -11.99
N ILE A 343 -15.82 3.71 -11.56
CA ILE A 343 -14.58 3.99 -10.84
C ILE A 343 -13.62 4.77 -11.72
N ARG A 344 -13.40 4.29 -12.95
CA ARG A 344 -12.50 4.96 -13.88
C ARG A 344 -12.78 6.45 -14.02
N ASN A 345 -14.06 6.84 -13.96
CA ASN A 345 -14.46 8.19 -14.30
C ASN A 345 -14.58 9.10 -13.08
N MET A 346 -14.32 8.60 -11.88
CA MET A 346 -14.26 9.48 -10.72
C MET A 346 -13.09 10.45 -10.85
N GLU A 347 -13.28 11.66 -10.30
CA GLU A 347 -12.21 12.66 -10.32
C GLU A 347 -10.91 12.09 -9.79
N ILE A 348 -10.97 11.38 -8.65
CA ILE A 348 -9.74 10.99 -7.97
C ILE A 348 -8.88 10.11 -8.88
N TRP A 349 -9.49 9.23 -9.67
CA TRP A 349 -8.76 8.36 -10.58
C TRP A 349 -8.46 9.00 -11.92
N LYS A 350 -9.29 9.94 -12.38
CA LYS A 350 -8.88 10.71 -13.55
C LYS A 350 -7.63 11.52 -13.22
N VAL A 351 -7.56 12.06 -12.00
CA VAL A 351 -6.37 12.76 -11.53
C VAL A 351 -5.20 11.79 -11.39
N GLY A 352 -5.46 10.57 -10.90
CA GLY A 352 -4.40 9.60 -10.73
C GLY A 352 -3.68 9.29 -12.04
N LYS A 353 -4.44 9.14 -13.12
CA LYS A 353 -3.84 8.91 -14.44
C LYS A 353 -2.83 10.00 -14.79
N GLU A 354 -3.12 11.25 -14.42
CA GLU A 354 -2.21 12.34 -14.72
C GLU A 354 -1.02 12.35 -13.77
N VAL A 355 -1.27 12.06 -12.49
CA VAL A 355 -0.16 12.01 -11.53
C VAL A 355 0.82 10.92 -11.93
N ARG A 356 0.32 9.72 -12.25
CA ARG A 356 1.21 8.63 -12.62
C ARG A 356 2.00 8.97 -13.87
N LYS A 357 1.38 9.68 -14.82
CA LYS A 357 2.06 9.98 -16.07
C LYS A 357 3.29 10.86 -15.86
N LEU A 358 3.30 11.66 -14.80
CA LEU A 358 4.39 12.59 -14.52
C LEU A 358 5.56 11.94 -13.79
N ARG A 359 5.41 10.70 -13.31
CA ARG A 359 6.48 10.01 -12.63
C ARG A 359 7.73 9.96 -13.50
N PRO A 360 8.91 10.30 -12.99
CA PRO A 360 10.15 10.21 -13.79
C PRO A 360 10.35 8.88 -14.53
N GLU A 361 9.94 7.74 -13.97
CA GLU A 361 10.13 6.46 -14.64
C GLU A 361 9.11 6.19 -15.74
N ASN A 362 8.10 7.03 -15.91
CA ASN A 362 7.17 6.92 -17.05
C ASN A 362 7.46 7.98 -18.11
N GLN A 363 8.58 8.69 -18.00
CA GLN A 363 8.90 9.76 -18.92
C GLN A 363 9.97 9.31 -19.92
N VAL B 5 -17.63 35.31 6.90
CA VAL B 5 -16.59 34.39 6.41
C VAL B 5 -15.93 35.05 5.20
N VAL B 6 -14.65 34.72 4.98
CA VAL B 6 -13.82 35.34 3.97
C VAL B 6 -13.31 34.24 3.02
N SER B 7 -13.23 34.56 1.73
CA SER B 7 -12.66 33.63 0.75
C SER B 7 -11.20 33.95 0.48
N ALA B 8 -10.58 33.16 -0.38
CA ALA B 8 -9.14 33.25 -0.63
C ALA B 8 -8.86 33.31 -2.13
N ALA B 9 -7.71 33.92 -2.46
CA ALA B 9 -7.34 34.07 -3.86
C ALA B 9 -6.86 32.74 -4.42
N PRO B 10 -7.35 32.32 -5.58
CA PRO B 10 -6.93 31.03 -6.15
C PRO B 10 -5.45 31.01 -6.52
N LEU B 11 -4.93 29.83 -6.85
CA LEU B 11 -3.56 29.76 -7.33
C LEU B 11 -3.47 30.39 -8.71
N ALA B 12 -2.36 31.04 -8.99
CA ALA B 12 -2.21 31.84 -10.21
C ALA B 12 -1.39 31.06 -11.23
N THR B 13 -2.07 30.54 -12.25
CA THR B 13 -1.41 30.07 -13.47
C THR B 13 -0.33 31.03 -13.93
N ARG B 14 -0.65 32.33 -13.99
CA ARG B 14 0.23 33.38 -14.49
C ARG B 14 0.78 33.07 -15.88
N GLY B 15 0.04 32.26 -16.65
CA GLY B 15 0.47 31.88 -17.98
C GLY B 15 1.64 30.93 -18.03
N LEU B 16 1.96 30.27 -16.92
CA LEU B 16 3.03 29.29 -16.91
C LEU B 16 2.53 27.95 -17.45
N LYS B 17 3.47 27.01 -17.64
CA LYS B 17 3.11 25.66 -18.06
C LYS B 17 2.19 25.04 -17.03
N THR B 18 1.16 24.36 -17.52
CA THR B 18 0.10 23.86 -16.67
C THR B 18 -0.27 22.45 -17.10
N ILE B 19 -0.75 21.66 -16.14
CA ILE B 19 -1.27 20.31 -16.39
C ILE B 19 -2.69 20.27 -15.84
N ASN B 20 -3.62 19.67 -16.60
CA ASN B 20 -5.01 19.57 -16.17
C ASN B 20 -5.21 18.28 -15.37
N PHE B 21 -5.49 18.44 -14.08
CA PHE B 21 -5.76 17.34 -13.16
C PHE B 21 -7.27 17.30 -12.93
N GLY B 22 -7.98 16.48 -13.70
CA GLY B 22 -9.42 16.33 -13.55
C GLY B 22 -10.21 17.64 -13.53
N GLY B 23 -9.96 18.50 -14.50
CA GLY B 23 -10.73 19.73 -14.63
C GLY B 23 -10.14 20.92 -13.91
N THR B 24 -8.86 20.85 -13.53
CA THR B 24 -8.19 21.93 -12.83
C THR B 24 -6.80 22.09 -13.42
N GLU B 25 -6.48 23.28 -13.89
CA GLU B 25 -5.13 23.56 -14.36
C GLU B 25 -4.24 23.88 -13.17
N GLU B 26 -3.05 23.26 -13.15
CA GLU B 26 -2.11 23.41 -12.05
C GLU B 26 -0.71 23.68 -12.58
N VAL B 27 0.03 24.51 -11.85
CA VAL B 27 1.43 24.81 -12.19
C VAL B 27 2.29 23.61 -11.83
N VAL B 28 2.88 22.98 -12.85
CA VAL B 28 3.72 21.82 -12.63
C VAL B 28 5.07 22.08 -13.29
N HIS B 29 6.15 21.78 -12.56
CA HIS B 29 7.49 21.80 -13.10
C HIS B 29 8.06 20.40 -13.10
N GLU B 30 8.91 20.12 -14.07
CA GLU B 30 9.47 18.79 -14.25
C GLU B 30 11.00 18.85 -14.22
N ARG B 31 11.62 17.68 -14.06
CA ARG B 31 13.08 17.62 -13.98
C ARG B 31 13.73 18.20 -15.23
N ALA B 32 13.13 18.00 -16.40
CA ALA B 32 13.70 18.53 -17.63
C ALA B 32 13.88 20.05 -17.58
N ASP B 33 13.10 20.74 -16.74
CA ASP B 33 13.22 22.18 -16.60
C ASP B 33 14.46 22.59 -15.82
N TRP B 34 15.11 21.66 -15.11
CA TRP B 34 16.30 21.98 -14.32
C TRP B 34 17.35 20.90 -14.49
N PRO B 35 17.93 20.79 -15.69
CA PRO B 35 19.04 19.86 -15.89
C PRO B 35 20.15 20.12 -14.90
N ARG B 36 20.93 19.08 -14.63
CA ARG B 36 21.92 19.15 -13.56
C ARG B 36 22.93 20.28 -13.78
N GLU B 37 23.33 20.49 -15.03
CA GLU B 37 24.29 21.55 -15.33
C GLU B 37 23.71 22.92 -14.97
N LYS B 38 22.43 23.14 -15.30
CA LYS B 38 21.74 24.37 -14.91
C LYS B 38 21.73 24.54 -13.41
N LEU B 39 21.30 23.52 -12.67
CA LEU B 39 21.25 23.62 -11.22
C LEU B 39 22.60 24.00 -10.65
N LEU B 40 23.65 23.27 -11.03
CA LEU B 40 24.94 23.51 -10.40
C LEU B 40 25.46 24.91 -10.71
N GLU B 41 25.11 25.46 -11.89
CA GLU B 41 25.44 26.85 -12.20
C GLU B 41 24.60 27.81 -11.37
N TYR B 42 23.27 27.57 -11.31
CA TYR B 42 22.38 28.48 -10.60
C TYR B 42 22.76 28.63 -9.13
N PHE B 43 23.29 27.57 -8.51
CA PHE B 43 23.60 27.57 -7.08
C PHE B 43 25.09 27.69 -6.79
N LYS B 44 25.92 28.02 -7.80
CA LYS B 44 27.37 27.92 -7.66
C LYS B 44 27.93 28.86 -6.58
N ASN B 45 27.24 29.95 -6.26
CA ASN B 45 27.67 30.84 -5.20
C ASN B 45 26.86 30.68 -3.92
N ASP B 46 26.09 29.61 -3.80
CA ASP B 46 25.26 29.41 -2.62
C ASP B 46 25.85 28.32 -1.73
N THR B 47 25.44 28.34 -0.48
CA THR B 47 25.70 27.27 0.48
C THR B 47 24.36 26.95 1.11
N MET B 48 23.87 25.72 0.89
CA MET B 48 22.71 25.23 1.60
C MET B 48 23.14 24.81 3.00
N ALA B 49 22.74 25.57 4.01
CA ALA B 49 22.95 25.15 5.39
C ALA B 49 21.68 24.43 5.83
N LEU B 50 21.75 23.11 5.93
CA LEU B 50 20.59 22.29 6.27
C LEU B 50 20.58 22.05 7.77
N ILE B 51 19.58 22.59 8.45
CA ILE B 51 19.47 22.55 9.90
C ILE B 51 18.56 21.39 10.28
N GLY B 52 19.09 20.42 11.01
CA GLY B 52 18.32 19.26 11.42
C GLY B 52 18.73 18.03 10.63
N TYR B 53 18.50 16.85 11.22
CA TYR B 53 18.84 15.60 10.53
C TYR B 53 17.89 14.46 10.92
N GLY B 54 16.58 14.71 10.83
CA GLY B 54 15.60 13.66 10.70
C GLY B 54 15.62 13.09 9.28
N SER B 55 14.51 12.42 8.90
CA SER B 55 14.40 11.80 7.58
C SER B 55 14.65 12.81 6.46
N GLN B 56 14.10 14.03 6.60
CA GLN B 56 14.24 14.99 5.51
C GLN B 56 15.66 15.54 5.45
N GLY B 57 16.26 15.83 6.59
CA GLY B 57 17.67 16.19 6.59
C GLY B 57 18.52 15.11 5.94
N TYR B 58 18.22 13.85 6.26
CA TYR B 58 18.91 12.71 5.66
C TYR B 58 18.66 12.64 4.15
N GLY B 59 17.38 12.65 3.74
CA GLY B 59 17.06 12.49 2.32
C GLY B 59 17.48 13.70 1.48
N GLN B 60 17.06 14.91 1.87
CA GLN B 60 17.42 16.10 1.11
C GLN B 60 18.93 16.36 1.16
N GLY B 61 19.53 16.25 2.34
CA GLY B 61 20.94 16.57 2.47
C GLY B 61 21.82 15.64 1.64
N LEU B 62 21.60 14.33 1.76
CA LEU B 62 22.40 13.40 0.98
C LEU B 62 22.11 13.52 -0.51
N ASN B 63 20.87 13.83 -0.91
CA ASN B 63 20.61 14.03 -2.33
C ASN B 63 21.31 15.29 -2.84
N LEU B 64 21.31 16.37 -2.03
CA LEU B 64 22.05 17.56 -2.45
C LEU B 64 23.54 17.25 -2.51
N ARG B 65 24.05 16.52 -1.51
CA ARG B 65 25.49 16.23 -1.47
C ARG B 65 25.92 15.38 -2.66
N ASP B 66 25.14 14.35 -2.98
CA ASP B 66 25.49 13.50 -4.13
C ASP B 66 25.35 14.26 -5.44
N ASN B 67 24.39 15.20 -5.52
CA ASN B 67 24.14 16.00 -6.71
C ASN B 67 25.23 17.01 -7.00
N GLY B 68 26.10 17.29 -6.04
CA GLY B 68 27.19 18.22 -6.24
C GLY B 68 26.99 19.60 -5.66
N LEU B 69 25.93 19.81 -4.89
CA LEU B 69 25.66 21.14 -4.37
C LEU B 69 26.40 21.33 -3.04
N ASN B 70 26.69 22.59 -2.75
CA ASN B 70 27.47 22.94 -1.58
C ASN B 70 26.55 22.94 -0.35
N VAL B 71 26.35 21.75 0.21
CA VAL B 71 25.47 21.57 1.36
C VAL B 71 26.28 21.22 2.60
N ILE B 72 25.83 21.74 3.75
CA ILE B 72 26.40 21.47 5.06
C ILE B 72 25.24 21.16 6.01
N ILE B 73 25.53 20.39 7.07
CA ILE B 73 24.54 20.05 8.08
C ILE B 73 24.82 20.88 9.33
N GLY B 74 23.76 21.35 9.98
CA GLY B 74 23.89 21.98 11.28
C GLY B 74 22.91 21.39 12.27
N VAL B 75 23.42 20.77 13.35
CA VAL B 75 22.58 20.10 14.35
C VAL B 75 23.26 20.18 15.71
N ARG B 76 22.48 19.98 16.76
CA ARG B 76 23.04 20.02 18.11
C ARG B 76 24.21 19.06 18.23
N LYS B 77 25.31 19.55 18.77
CA LYS B 77 26.53 18.74 18.83
C LYS B 77 26.36 17.60 19.83
N ASN B 78 26.74 16.40 19.37
CA ASN B 78 26.78 15.14 20.14
C ASN B 78 25.40 14.57 20.45
N GLY B 79 24.33 15.08 19.84
CA GLY B 79 23.03 14.50 19.96
C GLY B 79 22.84 13.41 18.93
N ALA B 80 21.60 12.93 18.84
CA ALA B 80 21.29 11.81 17.95
C ALA B 80 21.56 12.18 16.49
N SER B 81 21.11 13.37 16.06
CA SER B 81 21.33 13.82 14.69
C SER B 81 22.81 13.87 14.36
N TRP B 82 23.60 14.47 15.26
CA TRP B 82 25.03 14.57 15.05
C TRP B 82 25.65 13.19 14.83
N LYS B 83 25.26 12.21 15.66
CA LYS B 83 25.79 10.86 15.51
C LYS B 83 25.42 10.27 14.15
N ALA B 84 24.16 10.43 13.74
CA ALA B 84 23.73 9.86 12.48
C ALA B 84 24.41 10.55 11.31
N ALA B 85 24.62 11.87 11.40
CA ALA B 85 25.29 12.57 10.32
C ALA B 85 26.71 12.05 10.14
N ILE B 86 27.42 11.79 11.25
CA ILE B 86 28.78 11.29 11.17
C ILE B 86 28.83 9.92 10.51
N GLU B 87 27.84 9.08 10.83
CA GLU B 87 27.74 7.77 10.17
C GLU B 87 27.45 7.93 8.68
N ASP B 88 26.64 8.90 8.31
CA ASP B 88 26.34 9.18 6.91
C ASP B 88 27.47 9.89 6.17
N GLY B 89 28.65 10.06 6.79
CA GLY B 89 29.80 10.60 6.09
C GLY B 89 29.97 12.10 6.13
N TRP B 90 29.08 12.83 6.80
CA TRP B 90 29.33 14.26 7.03
C TRP B 90 30.49 14.43 8.00
N VAL B 91 31.35 15.41 7.73
CA VAL B 91 32.61 15.53 8.47
C VAL B 91 32.55 16.76 9.35
N PRO B 92 32.70 16.62 10.66
CA PRO B 92 32.71 17.79 11.55
C PRO B 92 33.79 18.81 11.16
N GLY B 93 33.37 20.06 11.04
CA GLY B 93 34.28 21.13 10.69
C GLY B 93 34.51 21.31 9.21
N GLU B 94 33.90 20.45 8.39
CA GLU B 94 33.95 20.57 6.93
C GLU B 94 32.56 20.81 6.37
N ASN B 95 31.63 19.90 6.59
CA ASN B 95 30.25 20.14 6.20
C ASN B 95 29.28 19.72 7.30
N LEU B 96 29.74 19.63 8.54
CA LEU B 96 28.89 19.31 9.68
C LEU B 96 29.28 20.23 10.83
N PHE B 97 28.32 21.03 11.30
CA PHE B 97 28.57 22.01 12.34
C PHE B 97 27.37 22.04 13.28
N ASP B 98 27.48 22.82 14.35
CA ASP B 98 26.30 23.08 15.15
C ASP B 98 25.38 24.05 14.40
N VAL B 99 24.21 24.32 14.99
CA VAL B 99 23.16 25.02 14.27
C VAL B 99 23.60 26.43 13.89
N LYS B 100 24.10 27.20 14.86
CA LYS B 100 24.45 28.59 14.58
C LYS B 100 25.61 28.68 13.60
N GLU B 101 26.65 27.86 13.78
CA GLU B 101 27.79 27.94 12.87
C GLU B 101 27.39 27.62 11.45
N ALA B 102 26.49 26.65 11.28
CA ALA B 102 26.00 26.30 9.95
C ALA B 102 25.26 27.48 9.32
N ILE B 103 24.35 28.09 10.06
CA ILE B 103 23.56 29.19 9.51
C ILE B 103 24.46 30.33 9.09
N THR B 104 25.47 30.62 9.90
CA THR B 104 26.42 31.68 9.59
C THR B 104 27.10 31.45 8.24
N LYS B 105 27.42 30.20 7.93
CA LYS B 105 28.12 29.89 6.70
C LYS B 105 27.18 29.83 5.50
N GLY B 106 25.90 29.62 5.72
CA GLY B 106 24.99 29.33 4.63
C GLY B 106 24.39 30.59 4.03
N THR B 107 23.99 30.47 2.76
CA THR B 107 23.16 31.49 2.13
C THR B 107 21.71 31.04 1.96
N ILE B 108 21.46 29.73 1.95
CA ILE B 108 20.10 29.19 1.88
C ILE B 108 19.93 28.35 3.13
N ILE B 109 19.12 28.82 4.06
CA ILE B 109 18.96 28.19 5.37
C ILE B 109 17.75 27.28 5.29
N MET B 110 17.99 25.97 5.24
CA MET B 110 16.91 24.98 5.18
C MET B 110 16.56 24.56 6.59
N ASN B 111 15.42 25.04 7.09
CA ASN B 111 15.04 24.77 8.48
C ASN B 111 14.30 23.45 8.51
N LEU B 112 15.04 22.38 8.80
CA LEU B 112 14.48 21.04 8.83
C LEU B 112 14.59 20.41 10.22
N LEU B 113 14.60 21.26 11.25
CA LEU B 113 14.33 20.85 12.61
C LEU B 113 12.90 20.35 12.73
N SER B 114 12.62 19.66 13.83
CA SER B 114 11.25 19.27 14.09
C SER B 114 10.37 20.51 14.22
N ASP B 115 9.12 20.37 13.79
CA ASP B 115 8.24 21.54 13.79
C ASP B 115 8.05 22.11 15.20
N ALA B 116 8.21 21.27 16.23
CA ALA B 116 8.23 21.80 17.59
C ALA B 116 9.52 22.57 17.87
N ALA B 117 10.66 22.07 17.38
CA ALA B 117 11.92 22.74 17.64
C ALA B 117 12.08 24.01 16.80
N GLN B 118 11.45 24.05 15.62
CA GLN B 118 11.44 25.28 14.84
C GLN B 118 10.91 26.44 15.66
N SER B 119 9.85 26.20 16.44
CA SER B 119 9.28 27.21 17.31
C SER B 119 10.17 27.47 18.53
N GLU B 120 10.86 26.44 19.04
CA GLU B 120 11.65 26.59 20.25
C GLU B 120 12.92 27.40 19.98
N THR B 121 13.61 27.09 18.89
CA THR B 121 14.87 27.75 18.55
C THR B 121 14.68 29.07 17.81
N TRP B 122 13.47 29.39 17.38
CA TRP B 122 13.29 30.51 16.46
C TRP B 122 13.72 31.86 17.03
N PRO B 123 13.52 32.18 18.31
CA PRO B 123 14.04 33.46 18.82
C PRO B 123 15.55 33.56 18.74
N ASP B 124 16.27 32.45 18.90
CA ASP B 124 17.72 32.53 18.76
C ASP B 124 18.15 32.53 17.30
N LEU B 125 17.40 31.85 16.42
CA LEU B 125 17.82 31.75 15.03
C LEU B 125 17.44 32.98 14.21
N LYS B 126 16.29 33.62 14.50
CA LYS B 126 15.84 34.73 13.68
C LYS B 126 16.91 35.78 13.43
N PRO B 127 17.64 36.28 14.42
CA PRO B 127 18.64 37.33 14.14
C PRO B 127 19.77 36.87 13.23
N LEU B 128 19.94 35.57 13.03
CA LEU B 128 20.99 35.06 12.18
C LEU B 128 20.58 34.97 10.72
N ILE B 129 19.28 35.08 10.43
CA ILE B 129 18.79 34.98 9.05
C ILE B 129 18.71 36.41 8.52
N THR B 130 19.86 36.89 8.04
CA THR B 130 20.06 38.29 7.70
C THR B 130 19.80 38.53 6.22
N GLU B 131 19.80 39.81 5.84
CA GLU B 131 19.58 40.18 4.46
C GLU B 131 20.55 39.45 3.54
N GLY B 132 20.07 39.06 2.37
CA GLY B 132 20.85 38.29 1.43
C GLY B 132 20.79 36.81 1.63
N LYS B 133 20.16 36.35 2.70
CA LYS B 133 19.96 34.94 2.97
C LYS B 133 18.52 34.57 2.63
N THR B 134 18.30 33.28 2.47
CA THR B 134 17.01 32.74 2.08
C THR B 134 16.58 31.74 3.15
N LEU B 135 15.35 31.86 3.61
CA LEU B 135 14.79 30.92 4.57
C LEU B 135 13.93 29.91 3.83
N TYR B 136 14.09 28.63 4.17
CA TYR B 136 13.45 27.53 3.45
C TYR B 136 12.84 26.55 4.46
N PHE B 137 11.60 26.14 4.21
CA PHE B 137 10.92 25.12 5.00
C PHE B 137 10.49 23.97 4.09
N SER B 138 10.21 22.81 4.70
CA SER B 138 9.55 21.72 3.98
C SER B 138 8.16 21.43 4.54
N HIS B 139 7.56 22.41 5.21
CA HIS B 139 6.28 22.29 5.89
C HIS B 139 5.82 23.69 6.30
N GLY B 140 4.58 24.07 5.97
CA GLY B 140 4.02 25.36 6.32
C GLY B 140 3.72 25.54 7.78
N PHE B 141 4.11 24.58 8.63
CA PHE B 141 3.72 24.55 10.03
C PHE B 141 4.06 25.85 10.75
N SER B 142 5.34 26.26 10.71
CA SER B 142 5.75 27.35 11.59
C SER B 142 5.12 28.69 11.20
N PRO B 143 5.33 29.23 9.99
CA PRO B 143 4.89 30.60 9.75
C PRO B 143 3.38 30.77 9.69
N VAL B 144 2.66 29.70 9.32
CA VAL B 144 1.22 29.82 9.09
C VAL B 144 0.47 29.86 10.42
N PHE B 145 0.89 29.04 11.39
CA PHE B 145 0.27 29.04 12.71
C PHE B 145 1.04 29.91 13.70
N LYS B 146 1.32 31.16 13.28
CA LYS B 146 2.17 32.05 14.05
C LYS B 146 1.63 32.34 15.45
N ASP B 147 0.31 32.33 15.63
CA ASP B 147 -0.25 32.62 16.94
C ASP B 147 0.09 31.55 17.97
N LEU B 148 0.35 30.33 17.51
CA LEU B 148 0.75 29.23 18.39
C LEU B 148 2.25 28.99 18.40
N THR B 149 2.92 29.20 17.26
CA THR B 149 4.33 28.88 17.13
C THR B 149 5.24 30.06 17.37
N LYS B 150 4.71 31.29 17.24
CA LYS B 150 5.46 32.52 17.39
C LYS B 150 6.61 32.64 16.39
N VAL B 151 6.54 31.89 15.28
CA VAL B 151 7.51 32.00 14.20
C VAL B 151 7.00 33.04 13.20
N GLU B 152 7.74 34.13 13.08
CA GLU B 152 7.48 35.19 12.11
C GLU B 152 8.74 35.41 11.29
N PRO B 153 8.81 34.90 10.06
CA PRO B 153 10.03 35.05 9.28
C PRO B 153 10.33 36.51 9.02
N PRO B 154 11.61 36.85 8.81
CA PRO B 154 11.95 38.27 8.61
C PRO B 154 11.39 38.78 7.28
N SER B 155 11.05 40.08 7.27
CA SER B 155 10.40 40.66 6.10
C SER B 155 11.37 41.03 4.99
N ASN B 156 12.67 40.90 5.20
CA ASN B 156 13.66 41.29 4.20
C ASN B 156 14.41 40.08 3.61
N VAL B 157 13.88 38.86 3.78
CA VAL B 157 14.48 37.69 3.14
C VAL B 157 13.40 36.96 2.36
N ASP B 158 13.84 36.19 1.37
CA ASP B 158 12.94 35.26 0.72
C ASP B 158 12.65 34.11 1.68
N VAL B 159 11.38 33.71 1.73
CA VAL B 159 10.93 32.59 2.56
C VAL B 159 10.20 31.64 1.62
N ILE B 160 10.68 30.40 1.51
CA ILE B 160 10.18 29.44 0.53
C ILE B 160 10.00 28.07 1.14
N LEU B 161 9.35 27.19 0.38
CA LEU B 161 8.94 25.87 0.84
C LEU B 161 9.04 24.88 -0.30
N ALA B 162 9.63 23.73 -0.03
CA ALA B 162 9.54 22.56 -0.91
C ALA B 162 9.21 21.38 0.00
N ALA B 163 8.03 20.79 -0.17
CA ALA B 163 7.52 19.77 0.74
C ALA B 163 7.43 18.44 0.01
N PRO B 164 8.38 17.55 0.21
CA PRO B 164 8.31 16.23 -0.43
C PRO B 164 7.17 15.41 0.17
N LYS B 165 6.29 14.92 -0.70
CA LYS B 165 5.10 14.16 -0.28
C LYS B 165 5.47 12.67 -0.14
N GLY B 166 6.31 12.41 0.85
CA GLY B 166 6.77 11.06 1.14
C GLY B 166 7.80 11.12 2.26
N SER B 167 8.09 9.98 2.88
CA SER B 167 9.12 9.93 3.90
C SER B 167 10.47 10.30 3.33
N GLY B 168 11.29 10.99 4.15
CA GLY B 168 12.66 11.29 3.76
C GLY B 168 13.48 10.05 3.42
N ARG B 169 13.10 8.89 3.95
CA ARG B 169 13.79 7.65 3.55
C ARG B 169 13.53 7.35 2.08
N THR B 170 12.30 7.61 1.62
CA THR B 170 11.93 7.40 0.23
C THR B 170 12.46 8.49 -0.70
N VAL B 171 12.54 9.74 -0.23
CA VAL B 171 13.22 10.78 -1.00
C VAL B 171 14.63 10.31 -1.34
N ARG B 172 15.28 9.63 -0.40
CA ARG B 172 16.63 9.15 -0.66
C ARG B 172 16.64 7.95 -1.58
N SER B 173 15.85 6.92 -1.25
CA SER B 173 15.96 5.66 -1.97
C SER B 173 15.47 5.81 -3.42
N LEU B 174 14.40 6.59 -3.65
CA LEU B 174 13.95 6.80 -5.02
C LEU B 174 15.00 7.56 -5.84
N PHE B 175 15.64 8.56 -5.23
CA PHE B 175 16.71 9.31 -5.90
C PHE B 175 17.78 8.37 -6.45
N LEU B 176 18.15 7.34 -5.67
CA LEU B 176 19.16 6.39 -6.08
C LEU B 176 18.68 5.38 -7.13
N GLU B 177 17.42 5.45 -7.56
CA GLU B 177 16.91 4.68 -8.69
C GLU B 177 16.60 5.54 -9.90
N GLY B 178 16.90 6.84 -9.86
CA GLY B 178 16.41 7.69 -10.92
C GLY B 178 14.91 7.94 -10.89
N ARG B 179 14.26 7.80 -9.73
CA ARG B 179 12.88 8.14 -9.50
C ARG B 179 12.87 9.31 -8.51
N GLY B 180 11.69 9.71 -8.08
CA GLY B 180 11.65 10.77 -7.10
C GLY B 180 10.29 10.95 -6.48
N ILE B 181 10.29 11.38 -5.20
CA ILE B 181 9.08 11.78 -4.49
C ILE B 181 8.66 13.18 -4.95
N ASN B 182 7.38 13.37 -5.23
CA ASN B 182 6.87 14.67 -5.66
C ASN B 182 6.92 15.70 -4.52
N SER B 183 7.01 16.97 -4.91
CA SER B 183 7.04 18.06 -3.93
C SER B 183 6.04 19.15 -4.27
N SER B 184 5.43 19.70 -3.22
CA SER B 184 4.83 21.04 -3.26
C SER B 184 5.93 22.08 -3.25
N TYR B 185 5.68 23.22 -3.92
CA TYR B 185 6.51 24.39 -3.68
C TYR B 185 5.61 25.60 -3.44
N ALA B 186 6.04 26.46 -2.51
CA ALA B 186 5.29 27.67 -2.19
C ALA B 186 6.24 28.76 -1.74
N VAL B 187 5.74 29.99 -1.76
CA VAL B 187 6.49 31.19 -1.40
C VAL B 187 5.74 31.89 -0.28
N TRP B 188 6.45 32.17 0.81
CA TRP B 188 5.89 32.94 1.91
C TRP B 188 6.21 34.42 1.74
N ASN B 189 7.44 34.73 1.36
CA ASN B 189 7.87 36.10 1.14
C ASN B 189 8.83 36.13 -0.04
N ASP B 190 8.74 37.17 -0.86
CA ASP B 190 9.57 37.31 -2.05
C ASP B 190 10.03 38.76 -2.06
N VAL B 191 11.27 39.01 -1.65
CA VAL B 191 11.82 40.36 -1.66
C VAL B 191 12.79 40.57 -2.79
N THR B 192 13.11 39.52 -3.55
CA THR B 192 14.07 39.61 -4.64
C THR B 192 13.44 39.49 -6.01
N GLY B 193 12.24 38.92 -6.11
CA GLY B 193 11.69 38.47 -7.37
C GLY B 193 12.20 37.13 -7.82
N LYS B 194 13.01 36.46 -7.01
CA LYS B 194 13.61 35.19 -7.39
C LYS B 194 13.21 34.06 -6.45
N ALA B 195 12.25 34.28 -5.55
CA ALA B 195 11.93 33.24 -4.58
C ALA B 195 11.31 32.02 -5.23
N GLU B 196 10.42 32.22 -6.22
CA GLU B 196 9.79 31.09 -6.88
C GLU B 196 10.81 30.22 -7.62
N GLU B 197 11.59 30.84 -8.51
CA GLU B 197 12.73 30.16 -9.14
C GLU B 197 13.55 29.37 -8.13
N LYS B 198 13.85 29.96 -6.97
CA LYS B 198 14.67 29.24 -5.98
C LYS B 198 13.91 28.02 -5.42
N ALA B 199 12.66 28.21 -5.02
CA ALA B 199 11.88 27.10 -4.48
C ALA B 199 11.79 25.95 -5.48
N ILE B 200 11.57 26.25 -6.77
CA ILE B 200 11.47 25.20 -7.76
C ILE B 200 12.82 24.54 -7.98
N ALA B 201 13.90 25.35 -8.07
CA ALA B 201 15.24 24.79 -8.22
C ALA B 201 15.61 23.92 -7.02
N MET B 202 15.25 24.33 -5.80
CA MET B 202 15.52 23.48 -4.65
C MET B 202 14.70 22.19 -4.71
N ALA B 203 13.41 22.29 -5.03
CA ALA B 203 12.60 21.08 -5.14
C ALA B 203 13.24 20.08 -6.11
N VAL B 204 13.78 20.56 -7.24
CA VAL B 204 14.43 19.65 -8.17
C VAL B 204 15.78 19.17 -7.63
N ALA B 205 16.53 20.08 -6.99
CA ALA B 205 17.89 19.77 -6.53
C ALA B 205 17.89 18.70 -5.45
N ILE B 206 16.88 18.69 -4.57
CA ILE B 206 16.80 17.69 -3.51
C ILE B 206 16.25 16.35 -3.99
N GLY B 207 15.95 16.21 -5.27
CA GLY B 207 15.56 14.92 -5.81
C GLY B 207 14.08 14.70 -6.08
N SER B 208 13.27 15.75 -6.16
CA SER B 208 11.84 15.56 -6.39
C SER B 208 11.54 14.99 -7.78
N GLY B 209 10.35 14.39 -7.89
CA GLY B 209 9.89 13.83 -9.14
C GLY B 209 9.27 14.88 -10.04
N TYR B 210 8.10 15.38 -9.65
CA TYR B 210 7.53 16.56 -10.27
C TYR B 210 7.12 17.50 -9.15
N VAL B 211 7.03 18.78 -9.49
CA VAL B 211 6.84 19.85 -8.51
C VAL B 211 5.56 20.58 -8.88
N TYR B 212 4.60 20.61 -7.97
CA TYR B 212 3.36 21.34 -8.18
C TYR B 212 3.24 22.46 -7.16
N GLN B 213 2.45 23.48 -7.52
CA GLN B 213 2.36 24.72 -6.76
C GLN B 213 1.31 24.62 -5.67
N THR B 214 1.61 25.26 -4.55
CA THR B 214 0.68 25.34 -3.42
C THR B 214 0.99 26.63 -2.65
N THR B 215 0.36 26.81 -1.51
CA THR B 215 0.73 27.88 -0.58
C THR B 215 1.07 27.27 0.77
N PHE B 216 1.73 28.07 1.61
CA PHE B 216 2.13 27.59 2.92
C PHE B 216 0.93 27.07 3.69
N GLU B 217 -0.16 27.84 3.69
CA GLU B 217 -1.37 27.47 4.42
C GLU B 217 -1.99 26.20 3.84
N ARG B 218 -2.15 26.14 2.52
CA ARG B 218 -2.71 24.94 1.88
C ARG B 218 -1.85 23.72 2.15
N GLU B 219 -0.53 23.89 2.17
CA GLU B 219 0.36 22.76 2.38
C GLU B 219 0.20 22.18 3.78
N VAL B 220 0.27 23.01 4.81
CA VAL B 220 0.24 22.48 6.17
C VAL B 220 -1.12 21.84 6.46
N ASN B 221 -2.21 22.45 5.96
CA ASN B 221 -3.54 21.91 6.23
C ASN B 221 -3.69 20.53 5.61
N SER B 222 -3.33 20.40 4.33
CA SER B 222 -3.49 19.11 3.65
C SER B 222 -2.51 18.11 4.20
N ASP B 223 -1.28 18.56 4.52
CA ASP B 223 -0.26 17.66 5.05
C ASP B 223 -0.65 17.06 6.39
N LEU B 224 -0.93 17.91 7.39
CA LEU B 224 -1.33 17.39 8.70
C LEU B 224 -2.51 16.44 8.56
N TYR B 225 -3.50 16.82 7.74
CA TYR B 225 -4.69 15.99 7.50
C TYR B 225 -4.33 14.66 6.84
N GLY B 226 -3.39 14.68 5.90
CA GLY B 226 -3.06 13.46 5.18
C GLY B 226 -2.42 12.41 6.07
N GLU B 227 -1.36 12.79 6.80
CA GLU B 227 -0.64 11.81 7.62
C GLU B 227 -1.53 11.26 8.72
N ARG B 228 -2.41 12.11 9.27
CA ARG B 228 -3.35 11.63 10.28
C ARG B 228 -4.40 10.71 9.67
N GLY B 229 -4.69 10.88 8.38
CA GLY B 229 -5.63 10.05 7.66
C GLY B 229 -4.97 8.81 7.07
N CYS B 230 -5.33 8.47 5.83
CA CYS B 230 -5.01 7.14 5.32
C CYS B 230 -3.50 6.92 5.17
N LEU B 231 -2.70 7.98 5.23
CA LEU B 231 -1.26 7.81 5.08
C LEU B 231 -0.64 7.01 6.22
N MET B 232 -1.07 7.25 7.46
CA MET B 232 -0.46 6.57 8.61
C MET B 232 -1.51 6.20 9.66
N GLY B 233 -2.27 7.20 10.15
CA GLY B 233 -3.26 6.93 11.19
C GLY B 233 -4.45 6.15 10.66
N GLY B 234 -4.90 6.49 9.45
CA GLY B 234 -6.08 5.84 8.90
C GLY B 234 -5.83 4.41 8.46
N ILE B 235 -4.68 4.15 7.84
CA ILE B 235 -4.39 2.78 7.41
C ILE B 235 -4.11 1.91 8.61
N HIS B 236 -3.46 2.44 9.64
CA HIS B 236 -3.26 1.65 10.84
C HIS B 236 -4.59 1.26 11.46
N GLY B 237 -5.45 2.24 11.75
CA GLY B 237 -6.74 1.94 12.36
C GLY B 237 -7.55 0.92 11.59
N MET B 238 -7.56 1.01 10.26
CA MET B 238 -8.26 0.01 9.46
C MET B 238 -7.65 -1.37 9.66
N PHE B 239 -6.33 -1.50 9.57
CA PHE B 239 -5.67 -2.79 9.81
C PHE B 239 -6.08 -3.37 11.16
N LEU B 240 -5.94 -2.58 12.24
CA LEU B 240 -6.22 -3.10 13.59
C LEU B 240 -7.66 -3.60 13.72
N ALA B 241 -8.62 -2.80 13.26
CA ALA B 241 -10.03 -3.19 13.36
C ALA B 241 -10.34 -4.42 12.53
N GLN B 242 -9.88 -4.46 11.27
CA GLN B 242 -10.15 -5.64 10.45
C GLN B 242 -9.48 -6.89 11.03
N TYR B 243 -8.27 -6.74 11.54
CA TYR B 243 -7.56 -7.89 12.10
C TYR B 243 -8.22 -8.37 13.40
N GLU B 244 -8.73 -7.44 14.21
CA GLU B 244 -9.31 -7.83 15.49
C GLU B 244 -10.56 -8.67 15.30
N VAL B 245 -11.47 -8.22 14.41
CA VAL B 245 -12.70 -8.96 14.14
C VAL B 245 -12.37 -10.38 13.68
N LEU B 246 -11.36 -10.52 12.83
CA LEU B 246 -10.96 -11.86 12.37
C LEU B 246 -10.45 -12.72 13.53
N ARG B 247 -9.60 -12.14 14.38
CA ARG B 247 -9.10 -12.86 15.53
C ARG B 247 -10.23 -13.17 16.51
N GLU B 248 -11.20 -12.26 16.65
CA GLU B 248 -12.36 -12.47 17.48
C GLU B 248 -13.27 -13.57 16.96
N ASN B 249 -13.07 -14.02 15.73
CA ASN B 249 -13.91 -15.08 15.18
C ASN B 249 -13.10 -16.35 14.89
N GLY B 250 -11.93 -16.49 15.52
CA GLY B 250 -11.20 -17.74 15.52
C GLY B 250 -10.14 -17.92 14.45
N HIS B 251 -10.01 -16.99 13.52
CA HIS B 251 -8.99 -17.12 12.50
C HIS B 251 -7.60 -17.03 13.11
N THR B 252 -6.72 -17.93 12.70
CA THR B 252 -5.34 -17.92 13.14
C THR B 252 -4.65 -16.59 12.79
N PRO B 253 -3.51 -16.30 13.45
CA PRO B 253 -2.79 -15.05 13.13
C PRO B 253 -2.24 -15.00 11.70
N SER B 254 -1.62 -16.08 11.22
CA SER B 254 -1.07 -16.04 9.87
C SER B 254 -2.17 -15.81 8.83
N GLU B 255 -3.34 -16.39 9.06
CA GLU B 255 -4.49 -16.16 8.18
C GLU B 255 -4.98 -14.72 8.29
N ALA B 256 -5.21 -14.25 9.53
CA ALA B 256 -5.71 -12.89 9.74
C ALA B 256 -4.72 -11.83 9.26
N PHE B 257 -3.41 -12.05 9.46
CA PHE B 257 -2.42 -11.08 8.99
C PHE B 257 -2.32 -11.08 7.48
N ASN B 258 -2.35 -12.27 6.86
CA ASN B 258 -2.25 -12.34 5.40
C ASN B 258 -3.49 -11.74 4.75
N GLU B 259 -4.66 -12.00 5.32
CA GLU B 259 -5.87 -11.43 4.76
C GLU B 259 -6.04 -9.96 5.08
N THR B 260 -5.13 -9.34 5.82
CA THR B 260 -5.28 -7.94 6.17
C THR B 260 -4.10 -7.09 5.75
N VAL B 261 -2.89 -7.48 6.11
CA VAL B 261 -1.72 -6.68 5.83
C VAL B 261 -0.93 -7.20 4.63
N GLU B 262 -0.55 -8.49 4.66
CA GLU B 262 0.43 -8.98 3.70
C GLU B 262 -0.10 -8.91 2.26
N GLU B 263 -1.31 -9.43 2.02
CA GLU B 263 -1.87 -9.36 0.67
C GLU B 263 -2.02 -7.92 0.22
N ALA B 264 -2.34 -7.01 1.15
CA ALA B 264 -2.49 -5.60 0.81
C ALA B 264 -1.16 -4.99 0.35
N THR B 265 -0.13 -5.03 1.20
CA THR B 265 1.10 -4.33 0.84
C THR B 265 1.93 -5.09 -0.19
N GLN B 266 1.84 -6.42 -0.24
CA GLN B 266 2.70 -7.17 -1.13
C GLN B 266 2.07 -7.44 -2.48
N SER B 267 0.74 -7.31 -2.58
CA SER B 267 0.04 -7.66 -3.80
C SER B 267 -0.87 -6.51 -4.27
N LEU B 268 -1.96 -6.25 -3.55
CA LEU B 268 -2.99 -5.39 -4.12
C LEU B 268 -2.61 -3.90 -4.08
N TYR B 269 -2.01 -3.43 -2.99
CA TYR B 269 -1.77 -1.99 -2.94
C TYR B 269 -0.73 -1.55 -3.96
N PRO B 270 0.30 -2.36 -4.26
CA PRO B 270 1.18 -2.00 -5.41
C PRO B 270 0.44 -1.95 -6.74
N LEU B 271 -0.61 -2.74 -6.93
CA LEU B 271 -1.34 -2.65 -8.18
C LEU B 271 -2.07 -1.32 -8.28
N ILE B 272 -2.71 -0.87 -7.20
CA ILE B 272 -3.34 0.45 -7.18
C ILE B 272 -2.31 1.51 -7.56
N GLY B 273 -1.13 1.43 -6.96
CA GLY B 273 -0.17 2.48 -7.19
C GLY B 273 0.39 2.50 -8.58
N LYS B 274 0.39 1.36 -9.24
CA LYS B 274 1.04 1.30 -10.53
C LYS B 274 0.07 1.53 -11.66
N TYR B 275 -1.20 1.17 -11.48
CA TYR B 275 -2.20 1.36 -12.52
C TYR B 275 -3.54 1.88 -12.07
N GLY B 276 -3.73 2.26 -10.82
CA GLY B 276 -5.01 2.77 -10.39
C GLY B 276 -5.96 1.70 -9.87
N MET B 277 -7.04 2.17 -9.23
CA MET B 277 -7.95 1.31 -8.49
C MET B 277 -8.73 0.38 -9.41
N ASP B 278 -9.14 0.84 -10.59
CA ASP B 278 -9.92 -0.02 -11.47
C ASP B 278 -9.09 -1.19 -11.97
N TYR B 279 -7.82 -0.94 -12.30
CA TYR B 279 -6.95 -2.02 -12.75
C TYR B 279 -6.78 -3.06 -11.66
N MET B 280 -6.60 -2.60 -10.42
CA MET B 280 -6.48 -3.55 -9.31
C MET B 280 -7.74 -4.42 -9.20
N TYR B 281 -8.92 -3.78 -9.23
CA TYR B 281 -10.16 -4.56 -9.16
C TYR B 281 -10.23 -5.61 -10.25
N ASP B 282 -9.90 -5.23 -11.48
CA ASP B 282 -10.01 -6.17 -12.61
C ASP B 282 -8.99 -7.29 -12.55
N ALA B 283 -7.95 -7.14 -11.73
CA ALA B 283 -6.96 -8.20 -11.57
C ALA B 283 -7.40 -9.24 -10.56
N CYS B 284 -8.57 -9.07 -9.94
CA CYS B 284 -9.08 -9.96 -8.92
C CYS B 284 -10.31 -10.71 -9.41
N SER B 285 -10.79 -11.63 -8.59
CA SER B 285 -11.87 -12.53 -8.98
C SER B 285 -13.19 -11.78 -9.19
N THR B 286 -14.12 -12.45 -9.88
CA THR B 286 -15.47 -11.90 -10.02
C THR B 286 -16.16 -11.78 -8.67
N THR B 287 -15.86 -12.67 -7.72
CA THR B 287 -16.43 -12.55 -6.38
C THR B 287 -15.84 -11.37 -5.63
N ALA B 288 -14.53 -11.16 -5.72
CA ALA B 288 -13.91 -10.02 -5.05
C ALA B 288 -14.42 -8.71 -5.64
N ARG B 289 -14.54 -8.64 -6.97
CA ARG B 289 -15.02 -7.41 -7.60
C ARG B 289 -16.45 -7.09 -7.16
N ARG B 290 -17.31 -8.11 -7.12
CA ARG B 290 -18.69 -7.90 -6.67
C ARG B 290 -18.73 -7.36 -5.26
N GLY B 291 -17.93 -7.94 -4.36
CA GLY B 291 -17.93 -7.47 -2.98
C GLY B 291 -17.33 -6.09 -2.82
N ALA B 292 -16.19 -5.84 -3.47
CA ALA B 292 -15.55 -4.54 -3.35
C ALA B 292 -16.45 -3.43 -3.88
N LEU B 293 -17.14 -3.69 -4.99
CA LEU B 293 -18.07 -2.73 -5.55
C LEU B 293 -19.28 -2.51 -4.63
N ASP B 294 -19.67 -3.55 -3.89
CA ASP B 294 -20.79 -3.43 -2.96
C ASP B 294 -20.41 -2.70 -1.68
N TRP B 295 -19.11 -2.61 -1.34
CA TRP B 295 -18.75 -2.09 -0.03
C TRP B 295 -17.91 -0.82 -0.01
N TYR B 296 -17.25 -0.45 -1.11
CA TYR B 296 -16.51 0.82 -1.07
C TYR B 296 -17.40 2.02 -0.79
N PRO B 297 -18.64 2.11 -1.27
CA PRO B 297 -19.49 3.24 -0.84
C PRO B 297 -19.86 3.16 0.62
N ARG B 298 -19.87 1.98 1.23
CA ARG B 298 -20.18 1.89 2.65
C ARG B 298 -19.00 2.36 3.50
N PHE B 299 -17.79 1.95 3.15
CA PHE B 299 -16.62 2.45 3.87
C PHE B 299 -16.45 3.95 3.68
N LYS B 300 -16.71 4.45 2.48
CA LYS B 300 -16.64 5.89 2.26
C LYS B 300 -17.60 6.62 3.19
N ASP B 301 -18.84 6.13 3.29
CA ASP B 301 -19.83 6.82 4.12
C ASP B 301 -19.47 6.74 5.59
N ALA B 302 -18.99 5.58 6.05
CA ALA B 302 -18.64 5.45 7.46
C ALA B 302 -17.42 6.29 7.83
N LEU B 303 -16.54 6.58 6.86
CA LEU B 303 -15.29 7.27 7.15
C LEU B 303 -15.38 8.79 7.00
N LYS B 304 -16.22 9.28 6.09
CA LYS B 304 -16.21 10.72 5.79
C LYS B 304 -16.51 11.60 6.98
N PRO B 305 -17.37 11.23 7.94
CA PRO B 305 -17.45 12.04 9.17
C PRO B 305 -16.14 12.12 9.95
N VAL B 306 -15.37 11.03 10.01
CA VAL B 306 -14.08 11.08 10.69
C VAL B 306 -13.16 12.08 10.02
N PHE B 307 -13.27 12.19 8.69
CA PHE B 307 -12.39 13.09 7.95
C PHE B 307 -12.81 14.54 8.06
N VAL B 308 -14.11 14.82 8.12
CA VAL B 308 -14.52 16.21 8.34
C VAL B 308 -14.18 16.63 9.76
N GLU B 309 -14.17 15.69 10.72
CA GLU B 309 -13.63 15.97 12.04
C GLU B 309 -12.13 16.28 11.97
N LEU B 310 -11.36 15.40 11.33
CA LEU B 310 -9.91 15.60 11.16
C LEU B 310 -9.59 16.97 10.58
N TYR B 311 -10.23 17.32 9.44
CA TYR B 311 -9.88 18.58 8.79
C TYR B 311 -10.19 19.77 9.68
N GLU B 312 -11.23 19.66 10.51
CA GLU B 312 -11.56 20.75 11.44
C GLU B 312 -10.54 20.83 12.57
N SER B 313 -10.06 19.67 13.07
CA SER B 313 -9.01 19.69 14.07
C SER B 313 -7.71 20.26 13.52
N VAL B 314 -7.42 19.99 12.24
CA VAL B 314 -6.26 20.61 11.59
C VAL B 314 -6.51 22.11 11.37
N LYS B 315 -7.69 22.45 10.84
CA LYS B 315 -8.00 23.85 10.50
C LYS B 315 -7.88 24.75 11.72
N ASN B 316 -8.55 24.40 12.81
CA ASN B 316 -8.65 25.34 13.94
C ASN B 316 -7.34 25.42 14.73
N GLY B 317 -6.50 24.39 14.68
CA GLY B 317 -5.19 24.44 15.29
C GLY B 317 -4.97 23.46 16.41
N THR B 318 -5.94 22.60 16.70
CA THR B 318 -5.76 21.61 17.77
C THR B 318 -4.60 20.67 17.47
N GLU B 319 -4.46 20.24 16.22
CA GLU B 319 -3.40 19.31 15.86
C GLU B 319 -2.02 19.95 15.99
N THR B 320 -1.86 21.16 15.44
CA THR B 320 -0.61 21.92 15.61
C THR B 320 -0.28 22.13 17.09
N GLN B 321 -1.28 22.54 17.88
CA GLN B 321 -1.08 22.72 19.31
C GLN B 321 -0.65 21.42 19.97
N ARG B 322 -1.27 20.30 19.58
CA ARG B 322 -0.93 19.02 20.15
C ARG B 322 0.55 18.67 19.93
N SER B 323 1.03 18.89 18.71
CA SER B 323 2.41 18.56 18.36
C SER B 323 3.40 19.53 19.00
N LEU B 324 3.05 20.82 19.02
CA LEU B 324 3.88 21.80 19.74
C LEU B 324 4.10 21.38 21.18
N ASP B 325 3.05 20.91 21.85
CA ASP B 325 3.17 20.55 23.26
C ASP B 325 3.96 19.27 23.46
N PHE B 326 3.59 18.21 22.74
CA PHE B 326 4.21 16.91 22.99
C PHE B 326 5.65 16.89 22.50
N ASN B 327 5.87 17.28 21.24
CA ASN B 327 7.20 17.22 20.64
C ASN B 327 8.14 18.30 21.17
N GLY B 328 7.59 19.42 21.64
CA GLY B 328 8.44 20.44 22.23
C GLY B 328 9.06 20.04 23.55
N ALA B 329 8.57 18.97 24.17
CA ALA B 329 9.18 18.44 25.38
C ALA B 329 10.60 18.00 25.09
N PRO B 330 11.50 18.05 26.09
CA PRO B 330 12.91 17.73 25.78
C PRO B 330 13.11 16.26 25.56
N ASP B 331 12.35 15.40 26.23
CA ASP B 331 12.43 13.95 26.07
C ASP B 331 11.51 13.41 24.99
N TYR B 332 11.31 14.14 23.89
CA TYR B 332 10.34 13.71 22.89
C TYR B 332 10.73 12.37 22.27
N ARG B 333 12.04 12.11 22.14
CA ARG B 333 12.48 10.87 21.50
C ARG B 333 11.97 9.65 22.27
N GLU B 334 12.20 9.61 23.59
CA GLU B 334 11.80 8.45 24.38
C GLU B 334 10.30 8.42 24.60
N ARG B 335 9.65 9.57 24.68
CA ARG B 335 8.19 9.60 24.81
C ARG B 335 7.52 9.05 23.56
N LEU B 336 7.99 9.46 22.38
CA LEU B 336 7.44 8.91 21.13
C LEU B 336 7.79 7.44 20.98
N GLU B 337 9.02 7.05 21.37
CA GLU B 337 9.42 5.66 21.29
C GLU B 337 8.48 4.78 22.10
N GLU B 338 8.15 5.20 23.33
CA GLU B 338 7.28 4.38 24.17
C GLU B 338 6.00 4.02 23.44
N GLU B 339 5.37 5.00 22.78
CA GLU B 339 4.18 4.72 22.01
C GLU B 339 4.47 3.85 20.79
N LEU B 340 5.63 4.00 20.17
CA LEU B 340 6.04 3.08 19.11
C LEU B 340 6.21 1.66 19.65
N GLU B 341 6.58 1.53 20.92
CA GLU B 341 6.80 0.21 21.50
C GLU B 341 5.49 -0.54 21.66
N THR B 342 4.44 0.16 22.11
CA THR B 342 3.12 -0.46 22.15
C THR B 342 2.73 -1.00 20.77
N ILE B 343 3.11 -0.30 19.70
CA ILE B 343 2.80 -0.76 18.34
C ILE B 343 3.56 -2.04 18.03
N ARG B 344 4.87 -2.05 18.32
CA ARG B 344 5.72 -3.23 18.09
C ARG B 344 5.18 -4.48 18.76
N ASN B 345 4.58 -4.34 19.94
CA ASN B 345 4.13 -5.47 20.75
C ASN B 345 2.66 -5.82 20.54
N MET B 346 1.98 -5.14 19.61
CA MET B 346 0.65 -5.54 19.21
C MET B 346 0.72 -6.92 18.55
N GLU B 347 -0.31 -7.74 18.77
CA GLU B 347 -0.28 -9.08 18.19
C GLU B 347 -0.06 -9.01 16.68
N ILE B 348 -0.73 -8.07 16.01
CA ILE B 348 -0.65 -8.02 14.55
C ILE B 348 0.78 -7.83 14.08
N TRP B 349 1.55 -6.99 14.78
CA TRP B 349 2.89 -6.67 14.34
C TRP B 349 3.91 -7.70 14.77
N LYS B 350 3.72 -8.36 15.92
CA LYS B 350 4.55 -9.49 16.25
C LYS B 350 4.41 -10.59 15.21
N VAL B 351 3.18 -10.84 14.76
CA VAL B 351 2.92 -11.80 13.69
C VAL B 351 3.62 -11.39 12.41
N GLY B 352 3.50 -10.11 12.04
CA GLY B 352 4.13 -9.62 10.82
C GLY B 352 5.63 -9.86 10.77
N LYS B 353 6.31 -9.80 11.92
CA LYS B 353 7.73 -10.16 11.96
C LYS B 353 7.95 -11.53 11.36
N GLU B 354 7.25 -12.55 11.87
CA GLU B 354 7.44 -13.92 11.37
C GLU B 354 6.98 -14.05 9.93
N VAL B 355 5.89 -13.35 9.56
CA VAL B 355 5.45 -13.38 8.17
C VAL B 355 6.52 -12.84 7.25
N ARG B 356 7.20 -11.76 7.67
CA ARG B 356 8.22 -11.19 6.80
C ARG B 356 9.46 -12.10 6.73
N LYS B 357 9.82 -12.76 7.85
CA LYS B 357 10.97 -13.68 7.84
C LYS B 357 10.77 -14.83 6.88
N LEU B 358 9.52 -15.20 6.58
CA LEU B 358 9.22 -16.33 5.71
C LEU B 358 9.23 -15.97 4.23
N ARG B 359 9.36 -14.71 3.85
CA ARG B 359 9.36 -14.37 2.45
C ARG B 359 10.59 -14.99 1.77
N PRO B 360 10.45 -15.55 0.57
CA PRO B 360 11.62 -16.17 -0.08
C PRO B 360 12.78 -15.21 -0.32
N GLU B 361 12.49 -13.95 -0.66
CA GLU B 361 13.54 -12.93 -0.85
C GLU B 361 14.28 -12.59 0.45
N ASN B 362 13.78 -13.00 1.62
CA ASN B 362 14.47 -12.74 2.87
C ASN B 362 15.22 -13.96 3.39
N GLN B 363 15.29 -15.04 2.62
CA GLN B 363 16.12 -16.20 2.98
C GLN B 363 17.59 -15.91 2.71
#